data_4CW4
#
_entry.id   4CW4
#
_cell.length_a   99.370
_cell.length_b   123.310
_cell.length_c   100.620
_cell.angle_alpha   90.00
_cell.angle_beta   90.00
_cell.angle_gamma   90.00
#
_symmetry.space_group_name_H-M   'C 2 2 21'
#
loop_
_entity.id
_entity.type
_entity.pdbx_description
1 polymer 'BETA-KETOACYL SYNTHASE'
2 non-polymer 'SULFATE ION'
3 non-polymer 'CHLORIDE ION'
4 water water
#
_entity_poly.entity_id   1
_entity_poly.type   'polypeptide(L)'
_entity_poly.pdbx_seq_one_letter_code
;AYFQSMSRLPVIVGFGGYNAAGRSSFHHGFRRMVIESMDPQARQETLAGLAVMMKLVKAEGGRYLAEDGTPLSPEDIERR
YAERIFASTLVRRIEPQYLDPDAVHWHKVLELSPAEGQALTFKASPKQLPEPLPANWSIAPAEDGEVLVSIHERCEFKVD
SYRALTVKSAGQLPTGFEPGELYNSRFHPRGLQMSVVAATDAIRSTGIDWKTIVDNVQPDEIAVFSGSIMSQLDDNGFGG
LMQSRLKGHRVSAKQLPLGFNSMPTDFINAYVLGSVGMTGSITGACATFLYNLQKGIDVITSGQARVVIVGNSEAPILPE
CIEGYSAMGALATEEGLRLIEGRDDVDFRRASRPFGENCGFTLAESSQYVVLMDDELALRLGADIHGAVTDVFINADGFK
KSISAPGPGNYLTVAKAVASAVQIVGLDTVRHASFVHAHGSSTPANRVTESEILDRVASAFGIDGWPVTAVKAYVGHSLA
TASADQLISALGTFKYGILPGIKTIDKVADDVHQQRLSISNRDMRQDKPLEVCFINSKGFGGNNASGVVLSPRIAEKMLR
KRHGQAAFAAYVEKREQTRAAARAYDQRALQGDLEIIYNFGQDLIDEHAIEVSAEQVTVPGFSQPLVYKKDARFSDMLD
;
_entity_poly.pdbx_strand_id   A
#
loop_
_chem_comp.id
_chem_comp.type
_chem_comp.name
_chem_comp.formula
CL non-polymer 'CHLORIDE ION' 'Cl -1'
SO4 non-polymer 'SULFATE ION' 'O4 S -2'
#
# COMPACT_ATOMS: atom_id res chain seq x y z
N ALA A 1 1.40 27.35 -19.43
CA ALA A 1 2.46 26.43 -19.95
C ALA A 1 3.44 26.91 -21.04
N TYR A 2 4.30 25.96 -21.41
CA TYR A 2 5.36 26.01 -22.43
C TYR A 2 6.53 25.23 -21.81
N PHE A 3 7.19 25.84 -20.83
CA PHE A 3 7.90 25.06 -19.81
C PHE A 3 7.93 25.72 -18.42
N GLN A 4 8.04 24.86 -17.41
CA GLN A 4 8.02 25.23 -16.00
C GLN A 4 9.28 25.96 -15.59
N SER A 5 9.11 27.07 -14.87
CA SER A 5 10.26 27.81 -14.35
C SER A 5 10.82 27.14 -13.12
N MET A 6 11.89 27.71 -12.58
CA MET A 6 12.57 27.17 -11.40
C MET A 6 11.56 26.83 -10.31
N SER A 7 11.75 25.70 -9.63
CA SER A 7 10.70 25.15 -8.74
C SER A 7 11.21 24.46 -7.48
N ARG A 8 10.33 24.37 -6.49
CA ARG A 8 10.56 23.59 -5.30
C ARG A 8 10.76 22.12 -5.64
N LEU A 9 11.71 21.50 -4.96
CA LEU A 9 12.03 20.08 -5.12
C LEU A 9 11.31 19.26 -4.05
N PRO A 10 10.53 18.24 -4.46
CA PRO A 10 9.90 17.39 -3.44
C PRO A 10 10.90 16.43 -2.77
N VAL A 11 11.07 16.57 -1.47
CA VAL A 11 11.97 15.67 -0.75
C VAL A 11 11.17 14.81 0.20
N ILE A 12 11.60 13.55 0.35
CA ILE A 12 10.97 12.59 1.23
C ILE A 12 11.54 12.75 2.63
N VAL A 13 10.73 13.24 3.56
CA VAL A 13 11.20 13.54 4.91
C VAL A 13 10.73 12.52 5.94
N GLY A 14 9.89 11.58 5.51
CA GLY A 14 9.42 10.52 6.39
C GLY A 14 8.73 9.46 5.56
N PHE A 15 8.58 8.26 6.13
CA PHE A 15 7.88 7.18 5.46
C PHE A 15 7.53 6.12 6.47
N GLY A 16 6.41 5.44 6.26
CA GLY A 16 6.02 4.41 7.19
C GLY A 16 4.86 3.61 6.67
N GLY A 17 4.49 2.58 7.41
CA GLY A 17 3.39 1.72 6.98
C GLY A 17 3.65 0.27 7.33
N TYR A 18 2.82 -0.61 6.78
CA TYR A 18 2.81 -2.03 7.11
C TYR A 18 2.41 -2.85 5.90
N ASN A 19 3.21 -3.89 5.66
CA ASN A 19 2.88 -4.92 4.69
C ASN A 19 3.39 -6.26 5.20
N ALA A 20 3.43 -7.26 4.33
CA ALA A 20 3.82 -8.61 4.76
C ALA A 20 5.24 -8.68 5.28
N ALA A 21 6.06 -7.67 5.00
CA ALA A 21 7.45 -7.67 5.48
C ALA A 21 7.60 -7.01 6.86
N GLY A 22 6.54 -6.40 7.35
CA GLY A 22 6.53 -5.72 8.64
C GLY A 22 6.33 -4.21 8.57
N ARG A 23 6.89 -3.53 9.56
CA ARG A 23 6.86 -2.08 9.67
C ARG A 23 7.82 -1.47 8.67
N SER A 24 7.33 -0.51 7.89
CA SER A 24 8.15 0.09 6.86
C SER A 24 9.15 1.10 7.37
N SER A 25 8.78 1.87 8.40
CA SER A 25 9.64 2.96 8.84
C SER A 25 10.99 2.43 9.28
N PHE A 26 12.01 3.28 9.10
CA PHE A 26 13.38 2.95 9.47
C PHE A 26 13.91 1.72 8.74
N HIS A 27 13.26 1.39 7.63
CA HIS A 27 13.69 0.33 6.74
C HIS A 27 13.56 -1.07 7.34
N HIS A 28 12.72 -1.25 8.36
CA HIS A 28 12.54 -2.60 8.92
C HIS A 28 11.97 -3.62 7.93
N GLY A 29 10.96 -3.22 7.14
CA GLY A 29 10.40 -4.13 6.15
C GLY A 29 11.43 -4.52 5.11
N PHE A 30 12.20 -3.53 4.64
CA PHE A 30 13.28 -3.77 3.72
C PHE A 30 14.25 -4.77 4.31
N ARG A 31 14.61 -4.56 5.57
CA ARG A 31 15.55 -5.45 6.20
C ARG A 31 15.03 -6.88 6.26
N ARG A 32 13.73 -7.06 6.53
CA ARG A 32 13.17 -8.41 6.50
C ARG A 32 13.36 -9.03 5.10
N MET A 33 13.15 -8.24 4.06
CA MET A 33 13.29 -8.77 2.72
C MET A 33 14.73 -9.19 2.40
N VAL A 34 15.72 -8.47 2.92
CA VAL A 34 17.12 -8.83 2.69
C VAL A 34 17.80 -9.29 3.98
N ILE A 35 17.06 -10.03 4.79
CA ILE A 35 17.45 -10.24 6.19
C ILE A 35 18.79 -10.96 6.31
N GLU A 36 19.03 -11.91 5.41
CA GLU A 36 20.24 -12.70 5.48
C GLU A 36 21.48 -11.92 5.04
N SER A 37 21.26 -10.81 4.36
CA SER A 37 22.35 -9.98 3.85
C SER A 37 22.75 -8.87 4.81
N MET A 38 21.94 -8.63 5.83
CA MET A 38 22.21 -7.59 6.80
C MET A 38 23.28 -8.04 7.77
N ASP A 39 23.93 -7.09 8.44
CA ASP A 39 24.82 -7.45 9.53
C ASP A 39 23.95 -7.90 10.69
N PRO A 40 24.54 -8.62 11.64
CA PRO A 40 23.74 -9.17 12.74
C PRO A 40 23.04 -8.14 13.62
N GLN A 41 23.59 -6.95 13.82
CA GLN A 41 22.90 -6.02 14.72
C GLN A 41 21.60 -5.55 14.06
N ALA A 42 21.68 -5.22 12.79
CA ALA A 42 20.50 -4.74 12.04
C ALA A 42 19.46 -5.84 11.90
N ARG A 43 19.91 -7.06 11.63
CA ARG A 43 19.03 -8.22 11.49
C ARG A 43 18.36 -8.51 12.82
N GLN A 44 19.13 -8.56 13.90
CA GLN A 44 18.57 -8.95 15.19
C GLN A 44 17.62 -7.88 15.70
N GLU A 45 17.91 -6.62 15.42
CA GLU A 45 17.01 -5.54 15.80
C GLU A 45 15.67 -5.68 15.09
N THR A 46 15.70 -5.90 13.79
CA THR A 46 14.46 -6.07 13.02
C THR A 46 13.68 -7.30 13.47
N LEU A 47 14.38 -8.42 13.68
CA LEU A 47 13.75 -9.63 14.20
C LEU A 47 13.11 -9.43 15.56
N ALA A 48 13.80 -8.74 16.47
CA ALA A 48 13.21 -8.43 17.75
C ALA A 48 11.93 -7.62 17.59
N GLY A 49 11.96 -6.61 16.73
CA GLY A 49 10.77 -5.81 16.47
C GLY A 49 9.60 -6.60 15.90
N LEU A 50 9.91 -7.50 14.96
CA LEU A 50 8.89 -8.40 14.42
C LEU A 50 8.36 -9.31 15.51
N ALA A 51 9.25 -9.86 16.33
CA ALA A 51 8.81 -10.75 17.41
C ALA A 51 7.81 -10.04 18.34
N VAL A 52 8.04 -8.77 18.64
CA VAL A 52 7.12 -8.03 19.49
C VAL A 52 5.81 -7.79 18.77
N MET A 53 5.88 -7.38 17.51
N MET A 53 5.91 -7.39 17.52
CA MET A 53 4.68 -7.14 16.70
CA MET A 53 4.77 -7.13 16.67
C MET A 53 3.80 -8.37 16.63
C MET A 53 3.84 -8.35 16.54
N MET A 54 4.46 -9.53 16.53
CA MET A 54 3.78 -10.80 16.31
C MET A 54 3.37 -11.49 17.62
N LYS A 55 3.67 -10.85 18.74
CA LYS A 55 3.37 -11.36 20.07
C LYS A 55 4.10 -12.65 20.42
N LEU A 56 5.27 -12.85 19.81
CA LEU A 56 6.11 -14.01 20.11
C LEU A 56 6.96 -13.78 21.35
N VAL A 57 7.30 -12.51 21.60
CA VAL A 57 7.98 -12.14 22.83
C VAL A 57 7.28 -10.95 23.42
N LYS A 58 7.45 -10.78 24.72
CA LYS A 58 6.85 -9.67 25.44
C LYS A 58 7.94 -8.61 25.66
N ALA A 59 7.66 -7.38 25.25
CA ALA A 59 8.56 -6.27 25.49
C ALA A 59 8.37 -5.78 26.92
N GLU A 60 9.36 -6.04 27.78
CA GLU A 60 9.27 -5.70 29.20
C GLU A 60 10.45 -4.85 29.59
N GLY A 61 10.21 -3.55 29.78
CA GLY A 61 11.21 -2.62 30.25
C GLY A 61 12.48 -2.63 29.41
N GLY A 62 12.30 -2.56 28.09
CA GLY A 62 13.43 -2.52 27.18
C GLY A 62 14.04 -3.89 26.92
N ARG A 63 13.61 -4.90 27.66
CA ARG A 63 14.08 -6.27 27.46
C ARG A 63 12.97 -7.06 26.81
N TYR A 64 13.26 -8.32 26.51
CA TYR A 64 12.32 -9.19 25.83
C TYR A 64 12.14 -10.49 26.62
N LEU A 65 10.89 -10.91 26.78
CA LEU A 65 10.55 -12.07 27.58
C LEU A 65 9.90 -13.17 26.76
N ALA A 66 10.38 -14.39 26.89
CA ALA A 66 9.74 -15.54 26.27
C ALA A 66 8.43 -15.84 26.99
N GLU A 67 7.68 -16.81 26.50
CA GLU A 67 6.46 -17.24 27.16
C GLU A 67 6.77 -17.66 28.60
N ASP A 68 7.99 -18.16 28.82
CA ASP A 68 8.41 -18.62 30.14
C ASP A 68 8.71 -17.48 31.10
N GLY A 69 8.87 -16.27 30.57
CA GLY A 69 9.36 -15.14 31.35
C GLY A 69 10.86 -14.99 31.22
N THR A 70 11.49 -15.99 30.60
CA THR A 70 12.93 -15.98 30.35
C THR A 70 13.36 -14.72 29.61
N PRO A 71 14.27 -13.92 30.20
CA PRO A 71 14.76 -12.76 29.44
C PRO A 71 15.57 -13.19 28.23
N LEU A 72 15.38 -12.48 27.11
CA LEU A 72 16.07 -12.79 25.87
C LEU A 72 16.78 -11.57 25.35
N SER A 73 17.99 -11.77 24.87
CA SER A 73 18.68 -10.76 24.08
C SER A 73 18.18 -10.89 22.65
N PRO A 74 18.37 -9.84 21.84
CA PRO A 74 18.11 -9.95 20.40
C PRO A 74 18.83 -11.15 19.74
N GLU A 75 20.04 -11.48 20.19
CA GLU A 75 20.74 -12.66 19.67
C GLU A 75 19.97 -13.94 19.99
N ASP A 76 19.43 -14.00 21.20
CA ASP A 76 18.64 -15.15 21.62
C ASP A 76 17.35 -15.21 20.83
N ILE A 77 16.79 -14.05 20.50
CA ILE A 77 15.53 -14.02 19.75
C ILE A 77 15.74 -14.58 18.36
N GLU A 78 16.84 -14.23 17.71
CA GLU A 78 17.13 -14.75 16.39
C GLU A 78 17.26 -16.26 16.43
N ARG A 79 18.04 -16.79 17.38
CA ARG A 79 18.18 -18.22 17.51
C ARG A 79 16.83 -18.90 17.71
N ARG A 80 16.05 -18.39 18.65
CA ARG A 80 14.84 -19.03 19.11
C ARG A 80 13.63 -18.85 18.20
N TYR A 81 13.51 -17.68 17.58
CA TYR A 81 12.29 -17.32 16.87
C TYR A 81 12.43 -17.06 15.37
N ALA A 82 13.65 -17.01 14.84
CA ALA A 82 13.80 -16.62 13.42
C ALA A 82 12.97 -17.52 12.49
N GLU A 83 13.01 -18.82 12.70
CA GLU A 83 12.26 -19.73 11.84
C GLU A 83 10.76 -19.39 11.85
N ARG A 84 10.18 -19.19 13.02
CA ARG A 84 8.77 -18.82 13.12
C ARG A 84 8.46 -17.46 12.49
N ILE A 85 9.33 -16.49 12.75
CA ILE A 85 9.14 -15.15 12.20
C ILE A 85 9.15 -15.23 10.68
N PHE A 86 10.10 -15.97 10.12
CA PHE A 86 10.21 -16.06 8.68
C PHE A 86 9.00 -16.74 8.06
N ALA A 87 8.52 -17.78 8.72
CA ALA A 87 7.38 -18.54 8.22
C ALA A 87 6.07 -17.76 8.30
N SER A 88 6.01 -16.76 9.18
CA SER A 88 4.80 -16.00 9.46
C SER A 88 4.86 -14.55 8.94
N THR A 89 5.75 -14.33 7.99
CA THR A 89 5.85 -13.09 7.26
C THR A 89 5.92 -13.41 5.76
N LEU A 90 5.79 -12.37 4.94
CA LEU A 90 5.88 -12.44 3.49
C LEU A 90 4.72 -13.21 2.88
N VAL A 91 4.76 -13.42 1.57
CA VAL A 91 3.76 -14.24 0.88
C VAL A 91 3.75 -15.64 1.48
N ARG A 92 2.55 -16.17 1.76
CA ARG A 92 2.40 -17.50 2.35
C ARG A 92 0.94 -17.95 2.25
N ARG A 93 0.65 -19.16 2.69
CA ARG A 93 -0.72 -19.67 2.65
C ARG A 93 -1.61 -18.76 3.48
N ILE A 94 -2.83 -18.56 3.02
CA ILE A 94 -3.79 -17.69 3.69
C ILE A 94 -4.20 -18.27 5.04
N GLU A 95 -4.09 -17.44 6.07
CA GLU A 95 -4.28 -17.87 7.46
C GLU A 95 -5.70 -17.60 7.95
N PRO A 96 -6.09 -18.30 9.03
CA PRO A 96 -7.51 -18.28 9.42
C PRO A 96 -8.08 -16.94 9.84
N GLN A 97 -7.22 -16.01 10.23
CA GLN A 97 -7.67 -14.69 10.63
C GLN A 97 -8.28 -13.91 9.44
N TYR A 98 -8.03 -14.39 8.22
CA TYR A 98 -8.68 -13.85 7.01
C TYR A 98 -9.87 -14.69 6.57
N LEU A 99 -9.59 -15.95 6.28
CA LEU A 99 -10.58 -16.88 5.74
C LEU A 99 -9.95 -18.27 5.66
N ASP A 100 -10.78 -19.29 5.46
CA ASP A 100 -10.28 -20.61 5.23
C ASP A 100 -10.37 -20.87 3.73
N PRO A 101 -9.22 -20.98 3.05
CA PRO A 101 -9.31 -21.08 1.59
C PRO A 101 -9.83 -22.43 1.11
N ASP A 102 -10.05 -23.37 2.04
CA ASP A 102 -10.76 -24.61 1.71
C ASP A 102 -12.21 -24.62 2.18
N ALA A 103 -12.68 -23.52 2.76
CA ALA A 103 -14.04 -23.50 3.29
C ALA A 103 -14.58 -22.07 3.40
N VAL A 104 -14.94 -21.52 2.24
CA VAL A 104 -15.57 -20.20 2.20
C VAL A 104 -17.06 -20.36 2.03
N HIS A 105 -17.80 -19.55 2.77
CA HIS A 105 -19.26 -19.60 2.77
C HIS A 105 -19.85 -19.04 1.48
N TRP A 106 -20.91 -19.70 1.02
CA TRP A 106 -21.79 -19.14 0.02
C TRP A 106 -23.17 -19.74 0.20
N HIS A 107 -24.09 -19.43 -0.70
CA HIS A 107 -25.42 -20.05 -0.72
C HIS A 107 -25.56 -20.91 -1.97
N LYS A 108 -26.00 -22.15 -1.85
CA LYS A 108 -26.48 -22.89 -2.99
C LYS A 108 -27.97 -22.66 -3.14
N VAL A 109 -28.44 -22.68 -4.38
CA VAL A 109 -29.86 -22.72 -4.67
C VAL A 109 -30.32 -24.17 -4.50
N LEU A 110 -31.23 -24.40 -3.57
CA LEU A 110 -31.79 -25.71 -3.34
C LEU A 110 -33.23 -25.71 -3.79
N GLU A 111 -33.50 -26.41 -4.89
CA GLU A 111 -34.85 -26.50 -5.41
C GLU A 111 -35.58 -27.62 -4.71
N LEU A 112 -36.55 -27.26 -3.87
CA LEU A 112 -37.37 -28.25 -3.19
C LEU A 112 -38.68 -28.41 -3.90
N SER A 113 -38.99 -29.66 -4.21
CA SER A 113 -40.24 -30.03 -4.86
C SER A 113 -40.97 -31.03 -3.99
N PRO A 114 -42.30 -30.89 -3.91
CA PRO A 114 -43.06 -32.00 -3.36
C PRO A 114 -43.52 -32.87 -4.50
N ALA A 115 -43.88 -34.10 -4.20
CA ALA A 115 -44.46 -35.00 -5.17
C ALA A 115 -45.50 -35.84 -4.46
N GLU A 116 -45.98 -36.87 -5.12
CA GLU A 116 -47.10 -37.65 -4.60
C GLU A 116 -46.80 -38.39 -3.27
N GLY A 117 -45.52 -38.54 -2.91
CA GLY A 117 -45.08 -39.44 -1.84
C GLY A 117 -44.98 -38.99 -0.38
N GLN A 118 -44.40 -37.81 -0.13
CA GLN A 118 -44.21 -37.25 1.22
C GLN A 118 -44.60 -35.77 1.26
N ALA A 119 -45.29 -35.35 2.32
CA ALA A 119 -45.61 -33.93 2.48
C ALA A 119 -44.35 -33.11 2.75
N LEU A 120 -44.33 -31.87 2.28
CA LEU A 120 -43.27 -30.91 2.60
C LEU A 120 -43.86 -29.82 3.49
N THR A 121 -43.63 -29.98 4.77
CA THR A 121 -44.34 -29.26 5.78
C THR A 121 -43.39 -28.92 6.90
N PHE A 122 -43.57 -27.74 7.48
CA PHE A 122 -42.75 -27.32 8.59
C PHE A 122 -43.47 -26.25 9.37
N LYS A 123 -43.04 -26.06 10.62
CA LYS A 123 -43.54 -24.94 11.40
C LYS A 123 -42.54 -23.82 11.34
N ALA A 124 -43.05 -22.60 11.41
CA ALA A 124 -42.22 -21.43 11.30
C ALA A 124 -42.86 -20.24 11.97
N SER A 125 -42.03 -19.27 12.32
N SER A 125 -42.02 -19.28 12.34
CA SER A 125 -42.48 -17.98 12.78
CA SER A 125 -42.50 -17.99 12.77
C SER A 125 -43.01 -17.21 11.57
C SER A 125 -43.04 -17.26 11.55
N PRO A 126 -44.26 -16.72 11.63
CA PRO A 126 -44.79 -16.01 10.47
C PRO A 126 -43.97 -14.80 10.06
N LYS A 127 -43.26 -14.17 11.00
CA LYS A 127 -42.43 -13.02 10.64
C LYS A 127 -41.22 -13.39 9.77
N GLN A 128 -40.88 -14.67 9.71
CA GLN A 128 -39.75 -15.11 8.90
C GLN A 128 -40.16 -15.63 7.54
N LEU A 129 -41.46 -15.68 7.26
CA LEU A 129 -41.95 -16.16 5.99
C LEU A 129 -41.83 -15.06 4.93
N PRO A 130 -41.69 -15.44 3.65
CA PRO A 130 -41.65 -14.43 2.60
C PRO A 130 -42.87 -13.52 2.60
N GLU A 131 -42.63 -12.28 2.18
CA GLU A 131 -43.69 -11.30 2.00
C GLU A 131 -43.63 -10.83 0.57
N PRO A 132 -44.76 -10.86 -0.13
CA PRO A 132 -46.04 -11.47 0.25
C PRO A 132 -45.84 -12.98 0.33
N LEU A 133 -46.77 -13.66 0.95
N LEU A 133 -46.76 -13.68 0.98
CA LEU A 133 -46.64 -15.10 1.05
CA LEU A 133 -46.64 -15.13 1.09
C LEU A 133 -46.74 -15.70 -0.34
C LEU A 133 -46.76 -15.74 -0.30
N PRO A 134 -45.89 -16.69 -0.66
CA PRO A 134 -45.98 -17.32 -1.97
C PRO A 134 -47.37 -17.92 -2.15
N ALA A 135 -48.01 -17.66 -3.28
CA ALA A 135 -49.43 -17.94 -3.40
C ALA A 135 -49.76 -19.43 -3.27
N ASN A 136 -48.80 -20.29 -3.59
CA ASN A 136 -49.05 -21.72 -3.65
C ASN A 136 -48.85 -22.38 -2.30
N TRP A 137 -48.18 -21.70 -1.36
CA TRP A 137 -47.95 -22.23 0.00
C TRP A 137 -49.24 -22.27 0.82
N SER A 138 -49.40 -23.33 1.59
CA SER A 138 -50.47 -23.46 2.59
C SER A 138 -49.99 -22.93 3.91
N ILE A 139 -50.86 -22.23 4.63
CA ILE A 139 -50.57 -21.76 5.98
C ILE A 139 -51.76 -22.04 6.87
N ALA A 140 -51.48 -22.55 8.07
CA ALA A 140 -52.54 -22.78 9.05
C ALA A 140 -52.04 -22.36 10.42
N PRO A 141 -52.97 -22.03 11.33
CA PRO A 141 -52.55 -21.63 12.67
C PRO A 141 -51.87 -22.77 13.41
N ALA A 142 -50.92 -22.43 14.27
CA ALA A 142 -50.28 -23.41 15.13
C ALA A 142 -50.08 -22.82 16.52
N GLU A 143 -49.43 -23.59 17.39
CA GLU A 143 -49.23 -23.18 18.77
C GLU A 143 -48.07 -22.20 18.88
N ASP A 144 -48.10 -21.40 19.95
CA ASP A 144 -46.98 -20.53 20.32
C ASP A 144 -46.62 -19.52 19.23
N GLY A 145 -47.65 -18.93 18.63
CA GLY A 145 -47.45 -17.85 17.68
C GLY A 145 -46.93 -18.30 16.32
N GLU A 146 -46.61 -19.58 16.19
CA GLU A 146 -46.07 -20.10 14.94
C GLU A 146 -47.19 -20.53 14.00
N VAL A 147 -46.82 -20.82 12.75
CA VAL A 147 -47.78 -21.31 11.77
C VAL A 147 -47.25 -22.59 11.12
N LEU A 148 -48.19 -23.38 10.60
CA LEU A 148 -47.86 -24.62 9.91
C LEU A 148 -47.89 -24.38 8.41
N VAL A 149 -46.75 -24.56 7.77
CA VAL A 149 -46.61 -24.27 6.34
C VAL A 149 -46.44 -25.55 5.54
N SER A 150 -47.12 -25.62 4.41
CA SER A 150 -46.89 -26.72 3.46
C SER A 150 -46.70 -26.18 2.07
N ILE A 151 -45.80 -26.82 1.34
CA ILE A 151 -45.40 -26.39 0.02
C ILE A 151 -45.85 -27.47 -0.98
N HIS A 152 -46.38 -27.04 -2.10
CA HIS A 152 -46.99 -27.95 -3.07
C HIS A 152 -46.36 -27.90 -4.45
N GLU A 153 -45.48 -26.92 -4.64
CA GLU A 153 -44.88 -26.60 -5.93
C GLU A 153 -43.36 -26.53 -5.70
N ARG A 154 -42.57 -26.78 -6.73
CA ARG A 154 -41.13 -26.56 -6.64
C ARG A 154 -40.85 -25.12 -6.28
N CYS A 155 -39.92 -24.90 -5.37
CA CYS A 155 -39.45 -23.55 -5.13
C CYS A 155 -38.01 -23.58 -4.69
N GLU A 156 -37.43 -22.40 -4.64
CA GLU A 156 -36.02 -22.23 -4.42
C GLU A 156 -35.74 -21.68 -3.05
N PHE A 157 -35.01 -22.43 -2.27
CA PHE A 157 -34.41 -21.94 -1.04
C PHE A 157 -32.94 -21.69 -1.29
N LYS A 158 -32.35 -20.83 -0.48
CA LYS A 158 -30.89 -20.70 -0.44
C LYS A 158 -30.38 -21.34 0.84
N VAL A 159 -29.37 -22.19 0.72
CA VAL A 159 -28.81 -22.89 1.88
C VAL A 159 -27.31 -22.59 2.01
N ASP A 160 -26.84 -22.49 3.25
CA ASP A 160 -25.43 -22.29 3.52
C ASP A 160 -24.64 -23.47 3.01
N SER A 161 -23.53 -23.17 2.35
CA SER A 161 -22.62 -24.18 1.86
C SER A 161 -21.19 -23.63 1.88
N TYR A 162 -20.21 -24.51 1.77
CA TYR A 162 -18.80 -24.15 1.86
C TYR A 162 -18.03 -24.70 0.70
N ARG A 163 -17.15 -23.87 0.13
CA ARG A 163 -16.37 -24.27 -1.02
C ARG A 163 -14.91 -23.90 -0.86
N ALA A 164 -14.07 -24.51 -1.67
CA ALA A 164 -12.65 -24.21 -1.68
C ALA A 164 -12.34 -23.20 -2.78
N LEU A 165 -11.46 -22.26 -2.47
CA LEU A 165 -10.93 -21.34 -3.48
C LEU A 165 -9.80 -22.05 -4.21
N THR A 166 -9.61 -21.74 -5.49
CA THR A 166 -8.48 -22.30 -6.22
C THR A 166 -7.14 -21.68 -5.80
N VAL A 167 -7.21 -20.51 -5.16
CA VAL A 167 -6.04 -19.76 -4.69
C VAL A 167 -5.92 -19.93 -3.18
N LYS A 168 -4.72 -20.22 -2.70
CA LYS A 168 -4.54 -20.51 -1.28
C LYS A 168 -3.56 -19.56 -0.59
N SER A 169 -3.02 -18.58 -1.32
CA SER A 169 -1.91 -17.77 -0.83
C SER A 169 -2.15 -16.27 -0.96
N ALA A 170 -1.48 -15.50 -0.12
CA ALA A 170 -1.60 -14.03 -0.10
C ALA A 170 -0.45 -13.41 0.65
N GLY A 171 -0.18 -12.13 0.37
CA GLY A 171 0.73 -11.32 1.16
C GLY A 171 -0.01 -10.72 2.34
N GLN A 172 0.31 -11.23 3.53
CA GLN A 172 -0.43 -10.95 4.77
C GLN A 172 0.45 -10.24 5.77
N LEU A 173 -0.10 -9.27 6.51
CA LEU A 173 0.65 -8.70 7.61
C LEU A 173 1.21 -9.79 8.54
N PRO A 174 2.34 -9.51 9.20
CA PRO A 174 2.92 -10.53 10.08
C PRO A 174 1.91 -11.14 11.07
N THR A 175 1.91 -12.46 11.18
CA THR A 175 0.91 -13.15 11.97
C THR A 175 0.99 -12.68 13.41
N GLY A 176 -0.14 -12.22 13.94
CA GLY A 176 -0.20 -11.76 15.32
C GLY A 176 -0.30 -10.26 15.44
N PHE A 177 0.11 -9.53 14.41
CA PHE A 177 -0.01 -8.09 14.38
C PHE A 177 -1.41 -7.71 13.94
N GLU A 178 -2.10 -6.94 14.75
CA GLU A 178 -3.50 -6.60 14.50
C GLU A 178 -3.72 -5.09 14.60
N PRO A 179 -3.78 -4.40 13.45
CA PRO A 179 -3.92 -2.94 13.49
C PRO A 179 -5.13 -2.46 14.30
N GLY A 180 -6.23 -3.21 14.25
CA GLY A 180 -7.43 -2.81 14.94
C GLY A 180 -7.31 -2.75 16.45
N GLU A 181 -6.35 -3.46 17.03
CA GLU A 181 -6.14 -3.47 18.48
C GLU A 181 -5.38 -2.24 18.95
N LEU A 182 -4.86 -1.46 18.02
CA LEU A 182 -3.96 -0.37 18.40
C LEU A 182 -4.61 0.98 18.66
N TYR A 183 -5.92 1.07 18.37
CA TYR A 183 -6.66 2.31 18.58
C TYR A 183 -8.13 1.95 18.62
N ASN A 184 -8.98 2.96 18.84
CA ASN A 184 -10.43 2.75 18.90
C ASN A 184 -11.03 2.53 17.51
N SER A 185 -10.96 1.28 17.05
CA SER A 185 -11.23 0.95 15.65
C SER A 185 -12.61 0.38 15.40
N ARG A 186 -13.49 0.47 16.39
CA ARG A 186 -14.83 -0.09 16.27
C ARG A 186 -15.53 0.36 14.98
N PHE A 187 -16.04 -0.63 14.26
CA PHE A 187 -16.76 -0.48 13.01
C PHE A 187 -15.96 0.01 11.80
N HIS A 188 -14.66 0.13 11.93
CA HIS A 188 -13.84 0.51 10.80
C HIS A 188 -13.47 -0.69 9.93
N PRO A 189 -13.66 -0.58 8.61
CA PRO A 189 -13.06 -1.58 7.71
C PRO A 189 -11.55 -1.72 7.92
N ARG A 190 -11.02 -2.91 7.63
CA ARG A 190 -9.60 -3.19 7.83
C ARG A 190 -8.71 -2.20 7.08
N GLY A 191 -9.10 -1.79 5.87
CA GLY A 191 -8.30 -0.83 5.12
C GLY A 191 -8.19 0.52 5.81
N LEU A 192 -9.22 0.90 6.57
CA LEU A 192 -9.17 2.15 7.30
C LEU A 192 -8.31 2.01 8.54
N GLN A 193 -8.40 0.88 9.25
CA GLN A 193 -7.51 0.60 10.36
C GLN A 193 -6.06 0.68 9.91
N MET A 194 -5.75 0.08 8.77
CA MET A 194 -4.39 0.04 8.26
C MET A 194 -3.93 1.44 7.88
N SER A 195 -4.82 2.25 7.34
CA SER A 195 -4.46 3.61 6.94
C SER A 195 -4.11 4.44 8.18
N VAL A 196 -4.94 4.36 9.21
CA VAL A 196 -4.70 5.12 10.43
C VAL A 196 -3.37 4.71 11.07
N VAL A 197 -3.13 3.42 11.15
CA VAL A 197 -1.90 2.92 11.80
C VAL A 197 -0.64 3.22 10.97
N ALA A 198 -0.74 3.08 9.65
CA ALA A 198 0.36 3.43 8.76
C ALA A 198 0.65 4.91 8.75
N ALA A 199 -0.39 5.74 8.77
CA ALA A 199 -0.16 7.18 8.72
C ALA A 199 0.61 7.64 9.94
N THR A 200 0.27 7.10 11.10
CA THR A 200 0.96 7.50 12.32
C THR A 200 2.44 7.13 12.20
N ASP A 201 2.72 5.90 11.73
CA ASP A 201 4.11 5.47 11.57
C ASP A 201 4.88 6.46 10.67
N ALA A 202 4.28 6.84 9.54
CA ALA A 202 4.94 7.79 8.63
C ALA A 202 5.21 9.16 9.28
N ILE A 203 4.22 9.70 9.97
CA ILE A 203 4.35 11.03 10.56
C ILE A 203 5.40 11.03 11.67
N ARG A 204 5.36 9.99 12.49
N ARG A 204 5.38 9.99 12.50
CA ARG A 204 6.31 9.89 13.59
CA ARG A 204 6.32 9.93 13.61
C ARG A 204 7.73 9.73 13.10
C ARG A 204 7.75 9.65 13.14
N SER A 205 7.90 9.03 11.97
CA SER A 205 9.22 8.76 11.41
C SER A 205 9.95 10.03 11.04
N THR A 206 9.26 11.16 10.93
CA THR A 206 9.94 12.39 10.55
C THR A 206 10.83 12.97 11.65
N GLY A 207 10.57 12.62 12.90
CA GLY A 207 11.27 13.24 14.01
C GLY A 207 10.89 14.69 14.27
N ILE A 208 9.78 15.15 13.70
CA ILE A 208 9.33 16.52 13.89
C ILE A 208 7.90 16.50 14.41
N ASP A 209 7.64 17.29 15.45
CA ASP A 209 6.29 17.40 16.00
C ASP A 209 5.36 17.89 14.89
N TRP A 210 4.23 17.20 14.68
CA TRP A 210 3.28 17.63 13.65
C TRP A 210 2.87 19.09 13.87
N LYS A 211 2.71 19.49 15.14
CA LYS A 211 2.39 20.88 15.45
C LYS A 211 3.42 21.87 14.88
N THR A 212 4.69 21.53 14.97
CA THR A 212 5.74 22.39 14.44
C THR A 212 5.59 22.55 12.94
N ILE A 213 5.30 21.45 12.25
CA ILE A 213 5.09 21.49 10.81
C ILE A 213 3.91 22.41 10.45
N VAL A 214 2.78 22.19 11.09
CA VAL A 214 1.59 22.99 10.82
C VAL A 214 1.84 24.49 11.10
N ASP A 215 2.55 24.79 12.20
CA ASP A 215 2.85 26.17 12.60
C ASP A 215 3.74 26.88 11.57
N ASN A 216 4.40 26.12 10.70
CA ASN A 216 5.34 26.67 9.74
C ASN A 216 4.81 26.84 8.32
N VAL A 217 3.54 26.53 8.09
CA VAL A 217 2.94 26.69 6.76
C VAL A 217 1.54 27.30 6.90
N GLN A 218 0.96 27.75 5.79
CA GLN A 218 -0.43 28.20 5.80
C GLN A 218 -1.38 26.99 5.87
N PRO A 219 -2.60 27.21 6.38
CA PRO A 219 -3.49 26.06 6.59
C PRO A 219 -3.83 25.26 5.33
N ASP A 220 -3.84 25.93 4.18
CA ASP A 220 -4.14 25.28 2.91
C ASP A 220 -2.93 24.64 2.26
N GLU A 221 -1.76 24.71 2.91
CA GLU A 221 -0.52 24.20 2.32
C GLU A 221 -0.12 22.78 2.74
N ILE A 222 -1.04 22.10 3.39
CA ILE A 222 -0.92 20.68 3.71
C ILE A 222 -1.82 19.92 2.75
N ALA A 223 -1.36 18.80 2.22
CA ALA A 223 -2.14 18.01 1.30
C ALA A 223 -2.02 16.53 1.66
N VAL A 224 -3.10 15.80 1.42
CA VAL A 224 -3.13 14.36 1.63
C VAL A 224 -3.76 13.70 0.42
N PHE A 225 -3.07 12.72 -0.15
CA PHE A 225 -3.57 11.90 -1.25
C PHE A 225 -3.41 10.42 -0.94
N SER A 226 -4.53 9.69 -0.89
CA SER A 226 -4.51 8.26 -0.57
C SER A 226 -5.70 7.56 -1.24
N GLY A 227 -6.12 6.42 -0.71
CA GLY A 227 -7.30 5.71 -1.21
C GLY A 227 -7.04 4.23 -1.43
N SER A 228 -8.03 3.56 -2.00
CA SER A 228 -7.94 2.14 -2.39
C SER A 228 -8.52 2.01 -3.79
N ILE A 229 -8.18 0.95 -4.51
CA ILE A 229 -8.86 0.71 -5.78
C ILE A 229 -10.13 -0.12 -5.67
N MET A 230 -10.25 -0.97 -4.66
N MET A 230 -10.25 -0.96 -4.66
CA MET A 230 -11.44 -1.83 -4.55
CA MET A 230 -11.43 -1.81 -4.56
C MET A 230 -12.64 -1.18 -3.88
C MET A 230 -12.52 -1.19 -3.70
N SER A 231 -12.42 -0.06 -3.19
N SER A 231 -12.21 -0.04 -3.10
CA SER A 231 -13.27 0.40 -2.07
CA SER A 231 -12.97 0.49 -1.98
C SER A 231 -13.00 -0.57 -0.91
C SER A 231 -12.85 -0.52 -0.85
N GLN A 232 -13.49 -0.25 0.29
CA GLN A 232 -13.37 -1.17 1.42
C GLN A 232 -14.50 -2.18 1.32
N LEU A 233 -14.16 -3.42 0.97
CA LEU A 233 -15.16 -4.42 0.60
C LEU A 233 -15.47 -5.39 1.72
N ASP A 234 -14.92 -5.15 2.91
CA ASP A 234 -15.25 -6.02 4.04
C ASP A 234 -16.63 -5.70 4.64
N ASP A 235 -17.02 -6.47 5.65
N ASP A 235 -17.05 -6.45 5.65
CA ASP A 235 -18.37 -6.38 6.22
CA ASP A 235 -18.42 -6.32 6.13
C ASP A 235 -18.69 -4.97 6.70
C ASP A 235 -18.72 -4.93 6.71
N ASN A 236 -17.71 -4.28 7.27
CA ASN A 236 -17.91 -2.94 7.81
C ASN A 236 -17.99 -1.84 6.76
N GLY A 237 -17.71 -2.18 5.50
CA GLY A 237 -17.81 -1.23 4.40
C GLY A 237 -18.78 -1.72 3.35
N PHE A 238 -18.35 -1.68 2.08
CA PHE A 238 -19.24 -2.02 0.97
C PHE A 238 -19.61 -3.51 0.95
N GLY A 239 -18.88 -4.37 1.66
CA GLY A 239 -19.34 -5.74 1.79
C GLY A 239 -20.69 -5.77 2.49
N GLY A 240 -20.79 -5.07 3.62
CA GLY A 240 -22.05 -4.98 4.36
C GLY A 240 -23.12 -4.30 3.52
N LEU A 241 -22.73 -3.26 2.80
CA LEU A 241 -23.68 -2.56 1.94
C LEU A 241 -24.29 -3.51 0.92
N MET A 242 -23.45 -4.30 0.26
CA MET A 242 -23.91 -5.12 -0.84
C MET A 242 -24.42 -6.50 -0.45
N GLN A 243 -24.13 -6.95 0.78
CA GLN A 243 -24.46 -8.33 1.18
C GLN A 243 -25.47 -8.42 2.31
N SER A 244 -25.69 -7.35 3.08
CA SER A 244 -26.53 -7.46 4.28
C SER A 244 -27.90 -8.09 3.98
N ARG A 245 -28.58 -7.55 2.97
CA ARG A 245 -29.94 -7.99 2.69
C ARG A 245 -29.98 -9.40 2.14
N LEU A 246 -28.96 -9.80 1.40
CA LEU A 246 -28.86 -11.20 0.95
C LEU A 246 -28.53 -12.18 2.07
N LYS A 247 -28.08 -11.66 3.23
CA LYS A 247 -27.86 -12.46 4.42
C LYS A 247 -29.00 -12.31 5.45
N GLY A 248 -30.04 -11.56 5.09
CA GLY A 248 -31.19 -11.42 5.97
C GLY A 248 -31.26 -10.27 6.94
N HIS A 249 -30.43 -9.24 6.77
CA HIS A 249 -30.53 -8.10 7.67
C HIS A 249 -30.30 -6.78 6.96
N ARG A 250 -30.52 -5.73 7.72
CA ARG A 250 -30.49 -4.38 7.20
C ARG A 250 -29.07 -3.88 7.07
N VAL A 251 -28.88 -2.94 6.15
CA VAL A 251 -27.62 -2.22 6.02
C VAL A 251 -27.46 -1.25 7.19
N SER A 252 -26.24 -1.16 7.72
CA SER A 252 -25.95 -0.29 8.86
C SER A 252 -25.75 1.14 8.38
N ALA A 253 -25.77 2.08 9.32
CA ALA A 253 -25.61 3.49 9.04
C ALA A 253 -24.18 3.86 8.61
N LYS A 254 -23.23 2.95 8.78
CA LYS A 254 -21.82 3.26 8.51
C LYS A 254 -21.21 2.50 7.31
N GLN A 255 -21.88 1.46 6.82
CA GLN A 255 -21.30 0.63 5.77
C GLN A 255 -21.06 1.41 4.48
N LEU A 256 -22.03 2.25 4.10
CA LEU A 256 -21.86 3.03 2.87
C LEU A 256 -20.73 4.08 3.04
N PRO A 257 -20.83 5.00 4.03
CA PRO A 257 -19.78 6.03 4.05
C PRO A 257 -18.37 5.47 4.26
N LEU A 258 -18.22 4.44 5.09
CA LEU A 258 -16.88 3.95 5.38
C LEU A 258 -16.34 3.05 4.25
N GLY A 259 -17.19 2.69 3.30
CA GLY A 259 -16.73 1.91 2.16
C GLY A 259 -16.09 2.71 1.06
N PHE A 260 -16.40 4.01 0.97
CA PHE A 260 -15.90 4.82 -0.14
C PHE A 260 -14.38 4.74 -0.28
N ASN A 261 -13.92 4.70 -1.52
CA ASN A 261 -12.49 4.53 -1.79
C ASN A 261 -11.64 5.72 -1.35
N SER A 262 -12.29 6.84 -1.04
CA SER A 262 -11.57 8.00 -0.51
C SER A 262 -11.33 7.96 0.99
N MET A 263 -11.95 7.01 1.68
N MET A 263 -11.95 7.01 1.68
CA MET A 263 -11.91 7.03 3.14
CA MET A 263 -11.90 7.00 3.15
C MET A 263 -10.52 6.84 3.76
C MET A 263 -10.50 6.87 3.75
N PRO A 264 -9.59 6.10 3.11
CA PRO A 264 -8.24 6.09 3.66
C PRO A 264 -7.62 7.49 3.74
N THR A 265 -7.97 8.35 2.78
CA THR A 265 -7.56 9.75 2.75
C THR A 265 -8.36 10.58 3.75
N ASP A 266 -9.68 10.45 3.70
CA ASP A 266 -10.54 11.25 4.56
C ASP A 266 -10.25 11.01 6.03
N PHE A 267 -9.97 9.76 6.42
CA PHE A 267 -9.67 9.46 7.80
C PHE A 267 -8.39 10.16 8.27
N ILE A 268 -7.42 10.32 7.39
CA ILE A 268 -6.19 11.01 7.78
C ILE A 268 -6.45 12.49 8.06
N ASN A 269 -7.18 13.18 7.19
CA ASN A 269 -7.54 14.57 7.46
C ASN A 269 -8.34 14.73 8.76
N ALA A 270 -9.32 13.85 8.96
CA ALA A 270 -10.29 13.98 10.03
C ALA A 270 -9.81 13.56 11.39
N TYR A 271 -8.92 12.56 11.44
CA TYR A 271 -8.59 11.91 12.71
C TYR A 271 -7.11 11.86 13.03
N VAL A 272 -6.26 12.09 12.03
CA VAL A 272 -4.81 11.99 12.24
C VAL A 272 -4.13 13.38 12.21
N LEU A 273 -4.31 14.11 11.12
CA LEU A 273 -3.62 15.38 10.94
C LEU A 273 -4.46 16.60 11.30
N GLY A 274 -5.78 16.48 11.24
CA GLY A 274 -6.62 17.64 11.48
C GLY A 274 -6.41 18.72 10.44
N SER A 275 -6.30 18.30 9.18
CA SER A 275 -5.96 19.21 8.10
C SER A 275 -7.18 19.84 7.46
N VAL A 276 -7.07 21.14 7.19
CA VAL A 276 -8.03 21.84 6.32
C VAL A 276 -7.45 22.10 4.94
N GLY A 277 -6.47 21.30 4.54
CA GLY A 277 -5.78 21.51 3.29
C GLY A 277 -6.32 20.72 2.12
N MET A 278 -5.51 20.61 1.07
N MET A 278 -5.56 20.62 1.05
CA MET A 278 -5.85 19.89 -0.16
CA MET A 278 -6.08 19.94 -0.12
C MET A 278 -6.04 18.42 0.12
C MET A 278 -6.08 18.46 0.13
N THR A 279 -6.87 17.76 -0.67
CA THR A 279 -7.10 16.36 -0.49
C THR A 279 -7.58 15.77 -1.80
N GLY A 280 -7.49 14.45 -1.91
CA GLY A 280 -7.99 13.77 -3.08
C GLY A 280 -7.55 12.32 -3.04
N SER A 281 -8.22 11.48 -3.83
CA SER A 281 -7.88 10.06 -3.93
C SER A 281 -7.90 9.71 -5.39
N ILE A 282 -6.72 9.41 -5.93
CA ILE A 282 -6.56 9.17 -7.35
C ILE A 282 -6.35 7.71 -7.62
N THR A 283 -7.16 7.11 -8.49
CA THR A 283 -6.95 5.71 -8.88
C THR A 283 -6.51 5.54 -10.33
N GLY A 284 -5.72 4.49 -10.51
CA GLY A 284 -5.17 4.07 -11.78
C GLY A 284 -4.87 2.58 -11.69
N ALA A 285 -5.82 1.83 -11.17
CA ALA A 285 -5.65 0.40 -10.99
C ALA A 285 -4.35 0.10 -10.22
N CYS A 286 -3.56 -0.83 -10.68
N CYS A 286 -3.55 -0.86 -10.72
CA CYS A 286 -2.45 -1.26 -9.87
CA CYS A 286 -2.26 -1.28 -10.10
C CYS A 286 -1.22 -0.31 -9.97
C CYS A 286 -1.32 -0.17 -9.81
N ALA A 287 -1.38 0.85 -10.65
CA ALA A 287 -0.42 1.96 -10.65
C ALA A 287 -0.84 3.12 -9.76
N THR A 288 -1.89 2.93 -8.99
CA THR A 288 -2.53 4.00 -8.23
C THR A 288 -1.58 4.85 -7.37
N PHE A 289 -0.66 4.25 -6.62
CA PHE A 289 0.15 5.10 -5.77
C PHE A 289 0.93 6.14 -6.56
N LEU A 290 1.44 5.75 -7.73
CA LEU A 290 2.17 6.69 -8.55
C LEU A 290 1.25 7.80 -9.07
N TYR A 291 -0.03 7.49 -9.31
CA TYR A 291 -0.97 8.54 -9.66
C TYR A 291 -1.15 9.57 -8.54
N ASN A 292 -1.27 9.09 -7.30
CA ASN A 292 -1.30 9.98 -6.16
C ASN A 292 0.02 10.75 -6.04
N LEU A 293 1.13 10.08 -6.32
CA LEU A 293 2.44 10.72 -6.19
C LEU A 293 2.62 11.81 -7.25
N GLN A 294 2.06 11.61 -8.45
CA GLN A 294 2.14 12.64 -9.48
C GLN A 294 1.45 13.92 -8.99
N LYS A 295 0.27 13.75 -8.41
CA LYS A 295 -0.43 14.88 -7.83
C LYS A 295 0.40 15.53 -6.72
N GLY A 296 1.02 14.73 -5.88
CA GLY A 296 1.84 15.27 -4.81
C GLY A 296 3.00 16.10 -5.30
N ILE A 297 3.69 15.61 -6.32
CA ILE A 297 4.82 16.32 -6.90
C ILE A 297 4.31 17.62 -7.50
N ASP A 298 3.21 17.53 -8.20
CA ASP A 298 2.72 18.70 -8.91
C ASP A 298 2.30 19.82 -7.96
N VAL A 299 1.67 19.48 -6.84
CA VAL A 299 1.27 20.51 -5.90
C VAL A 299 2.47 21.16 -5.22
N ILE A 300 3.59 20.42 -5.10
CA ILE A 300 4.78 21.02 -4.51
C ILE A 300 5.46 21.91 -5.52
N THR A 301 5.63 21.43 -6.74
CA THR A 301 6.35 22.22 -7.74
C THR A 301 5.56 23.48 -8.15
N SER A 302 4.23 23.41 -8.08
CA SER A 302 3.40 24.56 -8.45
C SER A 302 3.21 25.53 -7.27
N GLY A 303 3.61 25.15 -6.08
CA GLY A 303 3.50 26.03 -4.94
C GLY A 303 2.21 26.00 -4.18
N GLN A 304 1.36 25.04 -4.51
CA GLN A 304 0.05 24.95 -3.91
C GLN A 304 0.15 24.37 -2.51
N ALA A 305 1.07 23.42 -2.31
CA ALA A 305 1.23 22.77 -1.01
C ALA A 305 2.71 22.58 -0.69
N ARG A 306 3.02 22.59 0.58
CA ARG A 306 4.39 22.49 1.05
C ARG A 306 4.67 21.20 1.80
N VAL A 307 3.62 20.56 2.33
CA VAL A 307 3.74 19.30 3.05
C VAL A 307 2.69 18.39 2.47
N VAL A 308 3.12 17.22 2.00
CA VAL A 308 2.20 16.31 1.34
C VAL A 308 2.36 14.90 1.89
N ILE A 309 1.26 14.31 2.33
CA ILE A 309 1.25 12.92 2.76
C ILE A 309 0.66 12.16 1.58
N VAL A 310 1.44 11.25 1.00
CA VAL A 310 1.01 10.49 -0.17
C VAL A 310 1.10 9.01 0.13
N GLY A 311 0.06 8.26 -0.14
CA GLY A 311 0.13 6.83 0.09
C GLY A 311 -1.14 6.13 -0.36
N ASN A 312 -1.39 4.96 0.21
CA ASN A 312 -2.57 4.17 -0.12
C ASN A 312 -2.77 3.13 0.97
N SER A 313 -3.97 2.54 0.98
CA SER A 313 -4.28 1.46 1.88
C SER A 313 -5.23 0.50 1.19
N GLU A 314 -4.84 -0.75 1.11
CA GLU A 314 -5.64 -1.78 0.48
C GLU A 314 -5.60 -3.04 1.34
N ALA A 315 -6.78 -3.58 1.63
CA ALA A 315 -6.94 -4.80 2.40
C ALA A 315 -7.94 -5.68 1.65
N PRO A 316 -7.45 -6.35 0.59
CA PRO A 316 -8.31 -7.07 -0.33
C PRO A 316 -8.33 -8.59 -0.11
N ILE A 317 -7.83 -9.08 1.01
CA ILE A 317 -7.78 -10.52 1.24
C ILE A 317 -9.15 -10.96 1.75
N LEU A 318 -10.07 -11.15 0.79
CA LEU A 318 -11.49 -11.44 1.03
C LEU A 318 -11.88 -12.43 -0.04
N PRO A 319 -12.81 -13.36 0.27
CA PRO A 319 -13.15 -14.38 -0.72
C PRO A 319 -13.62 -13.80 -2.07
N GLU A 320 -14.38 -12.72 -2.04
CA GLU A 320 -14.95 -12.16 -3.26
C GLU A 320 -13.85 -11.57 -4.16
N CYS A 321 -12.88 -10.90 -3.55
CA CYS A 321 -11.78 -10.34 -4.33
C CYS A 321 -10.94 -11.44 -4.95
N ILE A 322 -10.69 -12.49 -4.17
CA ILE A 322 -9.90 -13.59 -4.67
C ILE A 322 -10.63 -14.27 -5.84
N GLU A 323 -11.92 -14.55 -5.67
CA GLU A 323 -12.67 -15.15 -6.77
C GLU A 323 -12.77 -14.24 -7.98
N GLY A 324 -12.93 -12.94 -7.76
CA GLY A 324 -13.03 -11.98 -8.85
C GLY A 324 -11.78 -11.95 -9.73
N TYR A 325 -10.61 -11.91 -9.09
CA TYR A 325 -9.36 -11.97 -9.85
C TYR A 325 -9.10 -13.34 -10.47
N SER A 326 -9.44 -14.40 -9.74
N SER A 326 -9.45 -14.42 -9.78
CA SER A 326 -9.30 -15.75 -10.26
CA SER A 326 -9.23 -15.75 -10.34
C SER A 326 -10.15 -15.92 -11.53
C SER A 326 -10.22 -16.06 -11.48
N ALA A 327 -11.36 -15.37 -11.51
CA ALA A 327 -12.29 -15.50 -12.64
C ALA A 327 -11.69 -14.92 -13.92
N MET A 328 -10.78 -13.97 -13.78
CA MET A 328 -10.00 -13.43 -14.89
C MET A 328 -8.76 -14.24 -15.24
N GLY A 329 -8.44 -15.25 -14.44
CA GLY A 329 -7.21 -15.99 -14.63
C GLY A 329 -5.97 -15.22 -14.20
N ALA A 330 -6.14 -14.23 -13.33
CA ALA A 330 -5.05 -13.31 -12.97
C ALA A 330 -4.15 -13.80 -11.85
N LEU A 331 -4.65 -14.70 -11.00
CA LEU A 331 -3.92 -15.10 -9.78
C LEU A 331 -3.23 -16.43 -9.92
N ALA A 332 -2.14 -16.60 -9.18
CA ALA A 332 -1.48 -17.90 -9.05
C ALA A 332 -2.36 -18.84 -8.23
N THR A 333 -2.78 -19.94 -8.85
CA THR A 333 -3.58 -20.94 -8.16
C THR A 333 -2.70 -22.08 -7.64
N GLU A 334 -3.23 -22.87 -6.71
CA GLU A 334 -2.52 -24.06 -6.29
C GLU A 334 -2.20 -24.96 -7.49
N GLU A 335 -3.16 -25.19 -8.37
CA GLU A 335 -2.88 -26.04 -9.52
C GLU A 335 -1.80 -25.44 -10.43
N GLY A 336 -1.79 -24.12 -10.59
CA GLY A 336 -0.77 -23.47 -11.39
C GLY A 336 0.61 -23.72 -10.82
N LEU A 337 0.74 -23.56 -9.51
CA LEU A 337 2.01 -23.78 -8.86
C LEU A 337 2.44 -25.25 -8.89
N ARG A 338 1.47 -26.15 -8.82
CA ARG A 338 1.79 -27.58 -8.93
C ARG A 338 2.45 -27.89 -10.25
N LEU A 339 2.03 -27.22 -11.30
CA LEU A 339 2.60 -27.43 -12.62
C LEU A 339 4.02 -26.92 -12.67
N ILE A 340 4.27 -25.76 -12.07
CA ILE A 340 5.62 -25.19 -12.05
C ILE A 340 6.57 -26.06 -11.23
N GLU A 341 6.10 -26.56 -10.11
CA GLU A 341 6.94 -27.34 -9.21
C GLU A 341 7.02 -28.81 -9.60
N GLY A 342 6.03 -29.29 -10.34
CA GLY A 342 5.94 -30.69 -10.71
C GLY A 342 5.74 -31.59 -9.50
N ARG A 343 5.01 -31.10 -8.51
CA ARG A 343 4.62 -31.88 -7.34
C ARG A 343 3.31 -31.33 -6.79
N ASP A 344 2.64 -32.12 -5.95
CA ASP A 344 1.34 -31.72 -5.43
C ASP A 344 1.41 -30.81 -4.22
N ASP A 345 2.43 -30.99 -3.39
CA ASP A 345 2.60 -30.18 -2.18
C ASP A 345 3.40 -28.92 -2.47
N VAL A 346 2.67 -27.85 -2.80
CA VAL A 346 3.27 -26.59 -3.25
C VAL A 346 3.89 -25.78 -2.13
N ASP A 347 4.95 -25.04 -2.45
CA ASP A 347 5.52 -24.06 -1.54
C ASP A 347 4.87 -22.69 -1.78
N PHE A 348 3.85 -22.36 -0.99
CA PHE A 348 3.12 -21.13 -1.22
C PHE A 348 3.96 -19.90 -0.91
N ARG A 349 5.06 -20.08 -0.18
CA ARG A 349 5.97 -18.96 0.03
C ARG A 349 6.64 -18.51 -1.26
N ARG A 350 6.59 -19.35 -2.28
CA ARG A 350 7.16 -19.01 -3.59
C ARG A 350 6.05 -18.80 -4.61
N ALA A 351 4.87 -18.40 -4.16
CA ALA A 351 3.76 -18.20 -5.10
C ALA A 351 4.05 -17.08 -6.09
N SER A 352 4.83 -16.10 -5.65
CA SER A 352 5.14 -14.92 -6.45
C SER A 352 6.58 -14.98 -6.96
N ARG A 353 6.69 -15.18 -8.28
CA ARG A 353 7.94 -15.49 -8.97
C ARG A 353 8.17 -14.54 -10.16
N PRO A 354 8.29 -13.24 -9.89
CA PRO A 354 8.53 -12.27 -10.98
C PRO A 354 9.68 -12.69 -11.88
N PHE A 355 9.46 -12.67 -13.19
CA PHE A 355 10.47 -12.96 -14.21
C PHE A 355 10.94 -14.41 -14.26
N GLY A 356 10.35 -15.29 -13.43
CA GLY A 356 10.62 -16.70 -13.50
C GLY A 356 9.48 -17.44 -14.16
N GLU A 357 9.60 -18.76 -14.25
CA GLU A 357 8.42 -19.59 -14.50
C GLU A 357 7.36 -19.16 -13.48
N ASN A 358 6.17 -18.82 -13.95
CA ASN A 358 5.16 -18.24 -13.08
C ASN A 358 3.76 -18.42 -13.64
N CYS A 359 2.75 -18.04 -12.87
CA CYS A 359 1.38 -18.37 -13.24
C CYS A 359 0.31 -17.47 -12.62
N GLY A 360 0.65 -16.19 -12.43
CA GLY A 360 -0.32 -15.22 -11.95
C GLY A 360 0.15 -14.53 -10.69
N PHE A 361 -0.47 -13.39 -10.39
CA PHE A 361 -0.05 -12.61 -9.25
C PHE A 361 -0.65 -13.14 -7.95
N THR A 362 -0.10 -12.66 -6.84
CA THR A 362 -0.57 -12.97 -5.51
C THR A 362 -1.13 -11.71 -4.87
N LEU A 363 -2.37 -11.80 -4.40
N LEU A 363 -2.40 -11.77 -4.45
CA LEU A 363 -3.05 -10.70 -3.76
CA LEU A 363 -3.01 -10.63 -3.76
C LEU A 363 -2.43 -10.42 -2.38
C LEU A 363 -2.32 -10.41 -2.43
N ALA A 364 -2.31 -9.16 -2.02
CA ALA A 364 -1.70 -8.75 -0.76
C ALA A 364 -2.39 -7.53 -0.17
N GLU A 365 -2.18 -7.34 1.12
CA GLU A 365 -2.62 -6.12 1.82
C GLU A 365 -1.41 -5.28 2.23
N SER A 366 -1.57 -3.97 2.12
CA SER A 366 -0.51 -3.03 2.50
C SER A 366 -1.08 -1.65 2.67
N SER A 367 -0.55 -0.92 3.64
CA SER A 367 -0.78 0.52 3.71
C SER A 367 0.55 1.17 3.92
N GLN A 368 0.85 2.16 3.09
N GLN A 368 0.84 2.18 3.11
CA GLN A 368 2.14 2.84 3.07
CA GLN A 368 2.15 2.83 3.07
C GLN A 368 1.91 4.33 2.86
C GLN A 368 1.93 4.32 2.83
N TYR A 369 2.75 5.14 3.49
CA TYR A 369 2.76 6.59 3.29
C TYR A 369 4.18 7.13 3.20
N VAL A 370 4.37 8.14 2.34
CA VAL A 370 5.56 8.96 2.40
C VAL A 370 5.13 10.37 2.75
N VAL A 371 6.02 11.09 3.43
CA VAL A 371 5.80 12.48 3.77
C VAL A 371 6.76 13.29 2.91
N LEU A 372 6.21 14.17 2.08
CA LEU A 372 7.01 15.04 1.23
C LEU A 372 6.97 16.46 1.76
N MET A 373 8.09 17.16 1.60
CA MET A 373 8.11 18.60 1.81
C MET A 373 8.85 19.24 0.67
N ASP A 374 8.55 20.51 0.39
CA ASP A 374 9.43 21.27 -0.48
C ASP A 374 10.81 21.44 0.19
N ASP A 375 11.81 21.63 -0.64
CA ASP A 375 13.18 21.72 -0.16
C ASP A 375 13.43 22.86 0.80
N GLU A 376 12.78 23.98 0.59
CA GLU A 376 13.00 25.13 1.45
C GLU A 376 12.47 24.88 2.85
N LEU A 377 11.26 24.33 2.95
CA LEU A 377 10.69 24.01 4.24
C LEU A 377 11.51 22.93 4.94
N ALA A 378 11.94 21.90 4.20
CA ALA A 378 12.76 20.84 4.78
C ALA A 378 14.04 21.44 5.38
N LEU A 379 14.65 22.35 4.65
CA LEU A 379 15.86 23.03 5.09
C LEU A 379 15.60 23.79 6.39
N ARG A 380 14.52 24.55 6.40
CA ARG A 380 14.13 25.34 7.57
C ARG A 380 13.90 24.48 8.82
N LEU A 381 13.31 23.31 8.66
CA LEU A 381 12.90 22.50 9.80
C LEU A 381 13.92 21.49 10.22
N GLY A 382 14.99 21.34 9.45
CA GLY A 382 15.95 20.28 9.73
C GLY A 382 15.38 18.89 9.44
N ALA A 383 14.43 18.79 8.51
CA ALA A 383 13.84 17.50 8.14
C ALA A 383 14.88 16.63 7.47
N ASP A 384 14.86 15.35 7.78
CA ASP A 384 15.76 14.43 7.14
C ASP A 384 15.35 14.24 5.69
N ILE A 385 16.28 13.71 4.89
CA ILE A 385 16.02 13.45 3.49
C ILE A 385 16.32 12.00 3.19
N HIS A 386 15.27 11.26 2.83
CA HIS A 386 15.38 9.85 2.51
C HIS A 386 15.44 9.61 1.00
N GLY A 387 15.24 10.69 0.25
CA GLY A 387 15.24 10.67 -1.19
C GLY A 387 14.52 11.90 -1.70
N ALA A 388 14.42 12.04 -3.01
CA ALA A 388 13.62 13.10 -3.64
C ALA A 388 12.86 12.49 -4.82
N VAL A 389 11.70 13.04 -5.12
CA VAL A 389 10.92 12.54 -6.23
C VAL A 389 10.71 13.68 -7.22
N THR A 390 11.14 13.47 -8.47
CA THR A 390 11.20 14.55 -9.45
C THR A 390 10.11 14.46 -10.52
N ASP A 391 9.59 13.28 -10.80
CA ASP A 391 8.60 13.13 -11.84
C ASP A 391 7.89 11.81 -11.70
N VAL A 392 6.63 11.82 -12.13
CA VAL A 392 5.89 10.62 -12.46
C VAL A 392 5.24 10.85 -13.80
N PHE A 393 5.41 9.89 -14.69
CA PHE A 393 4.76 9.93 -16.00
C PHE A 393 3.73 8.83 -16.11
N ILE A 394 2.58 9.22 -16.66
CA ILE A 394 1.43 8.36 -16.77
C ILE A 394 0.94 8.40 -18.22
N ASN A 395 0.75 7.24 -18.82
CA ASN A 395 0.29 7.12 -20.20
C ASN A 395 -0.61 5.91 -20.34
N ALA A 396 -1.75 6.10 -21.02
CA ALA A 396 -2.68 5.02 -21.31
C ALA A 396 -2.21 4.25 -22.54
N ASP A 397 -3.02 3.30 -23.00
CA ASP A 397 -2.58 2.32 -23.98
C ASP A 397 -3.11 2.57 -25.38
N GLY A 398 -3.93 3.60 -25.58
CA GLY A 398 -4.61 3.79 -26.85
C GLY A 398 -5.79 2.85 -26.95
N PHE A 399 -6.23 2.56 -28.17
CA PHE A 399 -7.35 1.64 -28.33
C PHE A 399 -6.99 0.24 -27.81
N LYS A 400 -7.96 -0.43 -27.20
CA LYS A 400 -7.76 -1.76 -26.65
C LYS A 400 -8.82 -2.73 -27.14
N LYS A 401 -8.53 -4.02 -26.97
CA LYS A 401 -9.55 -5.07 -27.01
C LYS A 401 -9.95 -5.29 -25.56
N SER A 402 -9.55 -6.41 -24.98
CA SER A 402 -9.78 -6.65 -23.55
C SER A 402 -9.24 -5.47 -22.73
N ILE A 403 -10.04 -4.99 -21.80
CA ILE A 403 -9.68 -3.83 -21.00
C ILE A 403 -8.55 -4.14 -20.03
N SER A 404 -8.30 -5.42 -19.75
CA SER A 404 -7.33 -5.78 -18.72
C SER A 404 -6.01 -6.26 -19.31
N ALA A 405 -5.97 -6.45 -20.63
CA ALA A 405 -4.75 -6.88 -21.30
C ALA A 405 -3.69 -5.78 -21.31
N PRO A 406 -2.41 -6.17 -21.35
CA PRO A 406 -1.34 -5.17 -21.33
C PRO A 406 -1.32 -4.35 -22.60
N GLY A 407 -0.72 -3.16 -22.55
CA GLY A 407 -0.64 -2.32 -23.72
C GLY A 407 0.55 -1.40 -23.76
N PRO A 408 0.61 -0.56 -24.78
CA PRO A 408 1.85 0.13 -25.08
C PRO A 408 2.19 1.36 -24.24
N GLY A 409 1.29 1.81 -23.37
CA GLY A 409 1.53 3.03 -22.63
C GLY A 409 2.78 2.98 -21.77
N ASN A 410 3.12 1.81 -21.26
CA ASN A 410 4.28 1.70 -20.38
C ASN A 410 5.60 1.95 -21.12
N TYR A 411 5.62 1.83 -22.45
CA TYR A 411 6.80 2.23 -23.21
C TYR A 411 7.07 3.71 -22.99
N LEU A 412 5.99 4.49 -23.08
CA LEU A 412 6.05 5.93 -22.95
C LEU A 412 6.44 6.37 -21.55
N THR A 413 5.85 5.75 -20.52
CA THR A 413 6.16 6.17 -19.15
C THR A 413 7.62 5.88 -18.80
N VAL A 414 8.11 4.69 -19.16
CA VAL A 414 9.49 4.35 -18.83
C VAL A 414 10.48 5.24 -19.60
N ALA A 415 10.24 5.42 -20.90
CA ALA A 415 11.11 6.25 -21.71
C ALA A 415 11.15 7.67 -21.16
N LYS A 416 9.99 8.25 -20.89
CA LYS A 416 9.97 9.63 -20.39
C LYS A 416 10.65 9.73 -19.02
N ALA A 417 10.46 8.70 -18.20
CA ALA A 417 11.09 8.71 -16.86
C ALA A 417 12.61 8.73 -16.97
N VAL A 418 13.15 7.85 -17.79
CA VAL A 418 14.58 7.79 -17.99
C VAL A 418 15.11 9.12 -18.57
N ALA A 419 14.45 9.66 -19.58
CA ALA A 419 14.90 10.92 -20.17
C ALA A 419 14.91 12.02 -19.11
N SER A 420 13.89 12.03 -18.23
CA SER A 420 13.81 13.09 -17.24
C SER A 420 14.97 12.98 -16.25
N ALA A 421 15.34 11.75 -15.91
CA ALA A 421 16.45 11.52 -15.00
C ALA A 421 17.77 11.96 -15.65
N VAL A 422 17.94 11.68 -16.93
CA VAL A 422 19.15 12.10 -17.64
C VAL A 422 19.32 13.62 -17.53
N GLN A 423 18.23 14.36 -17.64
CA GLN A 423 18.34 15.82 -17.54
C GLN A 423 18.84 16.27 -16.17
N ILE A 424 18.52 15.49 -15.14
CA ILE A 424 18.79 15.93 -13.78
C ILE A 424 20.13 15.42 -13.27
N VAL A 425 20.45 14.15 -13.52
CA VAL A 425 21.69 13.57 -12.98
C VAL A 425 22.74 13.25 -14.05
N GLY A 426 22.37 13.35 -15.32
CA GLY A 426 23.28 13.04 -16.40
C GLY A 426 23.23 11.61 -16.87
N LEU A 427 23.68 11.39 -18.10
CA LEU A 427 23.66 10.07 -18.72
C LEU A 427 24.50 9.04 -17.98
N ASP A 428 25.69 9.43 -17.53
CA ASP A 428 26.59 8.49 -16.86
C ASP A 428 25.94 7.91 -15.61
N THR A 429 25.32 8.78 -14.80
CA THR A 429 24.68 8.31 -13.57
C THR A 429 23.49 7.39 -13.88
N VAL A 430 22.72 7.72 -14.91
CA VAL A 430 21.64 6.83 -15.31
C VAL A 430 22.20 5.48 -15.80
N ARG A 431 23.28 5.53 -16.58
CA ARG A 431 23.83 4.30 -17.14
C ARG A 431 24.48 3.40 -16.12
N HIS A 432 25.07 3.96 -15.07
CA HIS A 432 25.89 3.17 -14.16
C HIS A 432 25.49 3.21 -12.71
N ALA A 433 24.49 4.01 -12.37
CA ALA A 433 24.05 4.14 -10.99
C ALA A 433 22.54 4.28 -10.87
N SER A 434 21.82 3.60 -11.77
CA SER A 434 20.36 3.55 -11.65
C SER A 434 19.87 2.10 -11.63
N PHE A 435 18.69 1.89 -11.05
CA PHE A 435 18.07 0.58 -11.03
C PHE A 435 16.56 0.72 -11.22
N VAL A 436 15.92 -0.39 -11.54
CA VAL A 436 14.49 -0.41 -11.81
C VAL A 436 13.80 -1.27 -10.77
N HIS A 437 12.79 -0.69 -10.12
CA HIS A 437 11.81 -1.46 -9.37
C HIS A 437 10.75 -1.87 -10.35
N ALA A 438 10.89 -3.09 -10.86
CA ALA A 438 10.00 -3.59 -11.87
C ALA A 438 8.63 -3.83 -11.29
N HIS A 439 7.63 -3.66 -12.14
CA HIS A 439 6.27 -4.00 -11.80
C HIS A 439 6.25 -5.45 -11.33
N GLY A 440 6.83 -6.34 -12.13
CA GLY A 440 7.16 -7.69 -11.69
C GLY A 440 6.02 -8.39 -10.97
N SER A 441 4.91 -8.56 -11.65
CA SER A 441 3.68 -9.03 -11.01
C SER A 441 3.58 -10.54 -10.93
N SER A 442 4.52 -11.26 -11.56
CA SER A 442 4.55 -12.73 -11.57
C SER A 442 3.54 -13.33 -12.52
N THR A 443 3.44 -12.78 -13.73
CA THR A 443 2.59 -13.37 -14.76
C THR A 443 3.37 -13.62 -16.04
N PRO A 444 2.95 -14.63 -16.83
CA PRO A 444 3.65 -14.89 -18.09
C PRO A 444 3.63 -13.71 -19.04
N ALA A 445 2.51 -12.99 -19.08
CA ALA A 445 2.42 -11.79 -19.91
C ALA A 445 3.36 -10.71 -19.41
N ASN A 446 3.40 -10.49 -18.11
CA ASN A 446 4.21 -9.40 -17.58
C ASN A 446 5.70 -9.65 -17.78
N ARG A 447 6.14 -10.87 -17.56
CA ARG A 447 7.58 -11.10 -17.59
C ARG A 447 8.14 -10.83 -18.97
N VAL A 448 7.37 -11.14 -20.00
CA VAL A 448 7.77 -10.87 -21.37
C VAL A 448 7.58 -9.38 -21.72
N THR A 449 6.36 -8.87 -21.55
CA THR A 449 6.09 -7.50 -21.98
C THR A 449 6.88 -6.45 -21.21
N GLU A 450 7.04 -6.63 -19.90
CA GLU A 450 7.79 -5.66 -19.11
C GLU A 450 9.28 -5.73 -19.41
N SER A 451 9.83 -6.93 -19.50
CA SER A 451 11.24 -7.02 -19.81
C SER A 451 11.55 -6.44 -21.20
N GLU A 452 10.65 -6.63 -22.15
CA GLU A 452 10.86 -6.07 -23.48
C GLU A 452 10.88 -4.54 -23.42
N ILE A 453 9.96 -3.94 -22.67
CA ILE A 453 10.00 -2.48 -22.49
C ILE A 453 11.30 -2.02 -21.85
N LEU A 454 11.69 -2.64 -20.74
CA LEU A 454 12.92 -2.19 -20.07
C LEU A 454 14.15 -2.39 -20.95
N ASP A 455 14.22 -3.52 -21.62
CA ASP A 455 15.34 -3.80 -22.51
C ASP A 455 15.43 -2.78 -23.63
N ARG A 456 14.28 -2.45 -24.20
N ARG A 456 14.30 -2.42 -24.20
CA ARG A 456 14.18 -1.49 -25.29
CA ARG A 456 14.31 -1.48 -25.33
C ARG A 456 14.69 -0.12 -24.84
C ARG A 456 14.59 -0.04 -24.92
N VAL A 457 14.13 0.37 -23.73
CA VAL A 457 14.49 1.67 -23.20
C VAL A 457 15.99 1.68 -22.84
N ALA A 458 16.47 0.62 -22.21
CA ALA A 458 17.90 0.51 -21.95
C ALA A 458 18.72 0.69 -23.21
N SER A 459 18.30 0.06 -24.29
CA SER A 459 19.06 0.14 -25.52
C SER A 459 19.07 1.58 -26.03
N ALA A 460 17.91 2.21 -25.99
CA ALA A 460 17.80 3.60 -26.45
C ALA A 460 18.73 4.52 -25.69
N PHE A 461 18.91 4.30 -24.38
CA PHE A 461 19.71 5.20 -23.56
C PHE A 461 21.13 4.66 -23.31
N GLY A 462 21.48 3.56 -23.97
CA GLY A 462 22.83 3.03 -23.88
C GLY A 462 23.16 2.46 -22.51
N ILE A 463 22.16 1.87 -21.85
CA ILE A 463 22.34 1.24 -20.56
C ILE A 463 22.58 -0.25 -20.78
N ASP A 464 23.50 -0.82 -20.04
CA ASP A 464 23.71 -2.26 -20.05
C ASP A 464 23.71 -2.75 -18.61
N GLY A 465 23.39 -4.02 -18.40
CA GLY A 465 23.36 -4.60 -17.06
C GLY A 465 22.48 -3.82 -16.09
N TRP A 466 21.33 -3.36 -16.58
CA TRP A 466 20.45 -2.48 -15.79
C TRP A 466 19.87 -3.29 -14.65
N PRO A 467 20.22 -2.93 -13.41
CA PRO A 467 19.74 -3.79 -12.32
C PRO A 467 18.24 -3.68 -12.11
N VAL A 468 17.62 -4.85 -11.96
CA VAL A 468 16.18 -4.97 -11.78
C VAL A 468 15.86 -5.74 -10.49
N THR A 469 14.91 -5.22 -9.72
CA THR A 469 14.41 -5.88 -8.53
C THR A 469 12.88 -5.90 -8.57
N ALA A 470 12.26 -6.79 -7.81
CA ALA A 470 10.82 -7.01 -7.89
C ALA A 470 10.22 -7.29 -6.51
N VAL A 471 9.69 -6.24 -5.90
CA VAL A 471 9.26 -6.31 -4.50
C VAL A 471 8.11 -7.31 -4.32
N LYS A 472 7.32 -7.55 -5.37
CA LYS A 472 6.16 -8.44 -5.25
C LYS A 472 6.57 -9.88 -4.99
N ALA A 473 7.83 -10.23 -5.25
CA ALA A 473 8.31 -11.55 -4.89
C ALA A 473 8.18 -11.79 -3.39
N TYR A 474 8.43 -10.73 -2.64
CA TYR A 474 8.39 -10.77 -1.16
C TYR A 474 7.00 -10.55 -0.59
N VAL A 475 6.30 -9.51 -1.04
CA VAL A 475 5.08 -9.07 -0.37
C VAL A 475 3.82 -9.16 -1.21
N GLY A 476 3.93 -9.76 -2.38
CA GLY A 476 2.78 -9.87 -3.26
C GLY A 476 2.37 -8.52 -3.80
N HIS A 477 1.18 -8.49 -4.36
CA HIS A 477 0.63 -7.35 -5.08
C HIS A 477 -0.48 -6.71 -4.28
N SER A 478 -0.19 -5.57 -3.68
CA SER A 478 -1.15 -4.87 -2.80
C SER A 478 -2.02 -3.85 -3.54
N LEU A 479 -2.12 -4.01 -4.85
CA LEU A 479 -3.13 -3.30 -5.64
C LEU A 479 -2.84 -1.80 -5.61
N ALA A 480 -3.71 -0.96 -5.02
CA ALA A 480 -3.41 0.47 -4.96
C ALA A 480 -2.03 0.75 -4.40
N THR A 481 -1.64 -0.01 -3.39
CA THR A 481 -0.45 0.30 -2.62
C THR A 481 0.80 -0.28 -3.26
N ALA A 482 0.65 -0.99 -4.37
CA ALA A 482 1.76 -1.74 -4.93
C ALA A 482 3.01 -0.88 -5.18
N SER A 483 2.84 0.27 -5.82
N SER A 483 2.81 0.27 -5.81
CA SER A 483 3.99 1.09 -6.14
CA SER A 483 3.90 1.16 -6.16
C SER A 483 4.52 1.86 -4.96
C SER A 483 4.53 1.83 -4.95
N ALA A 484 3.77 1.95 -3.86
CA ALA A 484 4.31 2.44 -2.61
C ALA A 484 5.23 1.38 -1.97
N ASP A 485 4.84 0.12 -2.00
CA ASP A 485 5.74 -0.96 -1.56
C ASP A 485 7.07 -0.87 -2.34
N GLN A 486 6.98 -0.61 -3.64
CA GLN A 486 8.18 -0.44 -4.46
C GLN A 486 9.03 0.75 -4.01
N LEU A 487 8.41 1.92 -3.89
CA LEU A 487 9.13 3.13 -3.51
C LEU A 487 9.81 2.96 -2.17
N ILE A 488 9.07 2.44 -1.19
N ILE A 488 9.12 2.39 -1.20
CA ILE A 488 9.59 2.22 0.16
CA ILE A 488 9.70 2.31 0.13
C ILE A 488 10.84 1.36 0.10
C ILE A 488 10.87 1.32 0.13
N SER A 489 10.74 0.22 -0.59
CA SER A 489 11.88 -0.69 -0.73
C SER A 489 13.08 0.02 -1.36
N ALA A 490 12.81 0.83 -2.38
CA ALA A 490 13.88 1.58 -3.05
C ALA A 490 14.67 2.40 -2.05
N LEU A 491 13.99 2.98 -1.08
CA LEU A 491 14.66 3.84 -0.11
C LEU A 491 15.64 3.05 0.72
N GLY A 492 15.29 1.79 0.95
CA GLY A 492 16.16 0.87 1.66
C GLY A 492 17.42 0.56 0.90
N THR A 493 17.30 0.39 -0.42
CA THR A 493 18.51 0.22 -1.25
C THR A 493 19.43 1.43 -1.13
N PHE A 494 18.88 2.63 -1.15
CA PHE A 494 19.70 3.83 -0.94
C PHE A 494 20.40 3.79 0.42
N LYS A 495 19.69 3.36 1.45
CA LYS A 495 20.20 3.36 2.82
C LYS A 495 21.34 2.39 3.01
N TYR A 496 21.14 1.16 2.56
CA TYR A 496 22.06 0.07 2.90
C TYR A 496 22.93 -0.44 1.73
N GLY A 497 22.63 0.01 0.52
CA GLY A 497 23.41 -0.37 -0.64
C GLY A 497 23.20 -1.80 -1.11
N ILE A 498 22.03 -2.35 -0.80
CA ILE A 498 21.69 -3.72 -1.19
C ILE A 498 20.51 -3.69 -2.12
N LEU A 499 20.64 -4.37 -3.25
CA LEU A 499 19.55 -4.58 -4.20
C LEU A 499 18.91 -5.94 -3.96
N PRO A 500 17.63 -5.97 -3.52
CA PRO A 500 17.08 -7.28 -3.15
C PRO A 500 16.95 -8.21 -4.36
N GLY A 501 17.35 -9.47 -4.19
CA GLY A 501 17.19 -10.45 -5.25
C GLY A 501 15.73 -10.88 -5.39
N ILE A 502 15.44 -11.57 -6.48
CA ILE A 502 14.15 -12.23 -6.66
C ILE A 502 14.36 -13.67 -6.18
N LYS A 503 14.23 -13.87 -4.87
CA LYS A 503 14.72 -15.12 -4.26
C LYS A 503 13.81 -16.30 -4.50
N THR A 504 12.58 -16.03 -4.95
CA THR A 504 11.61 -17.07 -5.18
C THR A 504 11.80 -17.83 -6.50
N ILE A 505 12.63 -17.31 -7.39
CA ILE A 505 12.87 -17.96 -8.70
C ILE A 505 14.19 -18.68 -8.73
N ASP A 506 14.28 -19.71 -9.55
N ASP A 506 14.26 -19.75 -9.52
CA ASP A 506 15.53 -20.46 -9.68
CA ASP A 506 15.50 -20.52 -9.65
C ASP A 506 16.37 -19.98 -10.80
C ASP A 506 16.36 -19.91 -10.75
N LYS A 507 15.70 -19.38 -11.76
CA LYS A 507 16.32 -18.71 -12.87
C LYS A 507 15.24 -17.96 -13.61
N VAL A 508 15.69 -17.04 -14.45
CA VAL A 508 14.81 -16.21 -15.22
C VAL A 508 14.19 -17.06 -16.33
N ALA A 509 12.88 -16.92 -16.56
CA ALA A 509 12.25 -17.70 -17.61
C ALA A 509 12.90 -17.48 -18.98
N ASP A 510 12.89 -18.53 -19.80
CA ASP A 510 13.55 -18.50 -21.09
C ASP A 510 13.03 -17.41 -22.03
N ASP A 511 11.79 -16.95 -21.84
CA ASP A 511 11.21 -15.97 -22.76
C ASP A 511 11.40 -14.53 -22.31
N VAL A 512 12.08 -14.32 -21.18
CA VAL A 512 12.32 -12.97 -20.71
C VAL A 512 13.43 -12.31 -21.53
N HIS A 513 13.23 -11.03 -21.86
CA HIS A 513 14.22 -10.27 -22.63
C HIS A 513 15.28 -9.70 -21.66
N GLN A 514 16.52 -10.18 -21.77
CA GLN A 514 17.54 -9.89 -20.77
C GLN A 514 18.80 -9.20 -21.28
N GLN A 515 18.91 -8.93 -22.58
CA GLN A 515 20.22 -8.56 -23.11
C GLN A 515 20.85 -7.41 -22.32
N ARG A 516 20.06 -6.39 -21.98
CA ARG A 516 20.56 -5.22 -21.28
C ARG A 516 20.13 -5.11 -19.81
N LEU A 517 19.59 -6.19 -19.26
CA LEU A 517 19.08 -6.19 -17.89
C LEU A 517 19.87 -7.16 -17.01
N SER A 518 19.98 -6.80 -15.74
CA SER A 518 20.59 -7.68 -14.75
C SER A 518 19.54 -8.05 -13.70
N ILE A 519 18.97 -9.24 -13.87
CA ILE A 519 17.92 -9.75 -13.00
C ILE A 519 18.47 -10.93 -12.23
N SER A 520 18.60 -10.78 -10.92
CA SER A 520 19.25 -11.80 -10.10
C SER A 520 18.33 -12.36 -9.04
N ASN A 521 18.55 -13.64 -8.71
CA ASN A 521 17.79 -14.28 -7.64
C ASN A 521 18.49 -14.18 -6.29
N ARG A 522 19.59 -13.42 -6.27
CA ARG A 522 20.39 -13.15 -5.07
C ARG A 522 20.44 -11.67 -4.80
N ASP A 523 20.54 -11.29 -3.53
CA ASP A 523 20.80 -9.90 -3.15
C ASP A 523 22.16 -9.48 -3.71
N MET A 524 22.24 -8.25 -4.20
CA MET A 524 23.47 -7.72 -4.82
C MET A 524 23.90 -6.42 -4.17
N ARG A 525 25.21 -6.26 -4.00
CA ARG A 525 25.77 -4.99 -3.53
C ARG A 525 26.69 -4.39 -4.58
N GLN A 526 26.24 -3.29 -5.17
N GLN A 526 26.23 -3.33 -5.22
CA GLN A 526 26.93 -2.58 -6.23
CA GLN A 526 27.00 -2.60 -6.21
C GLN A 526 28.15 -1.84 -5.68
C GLN A 526 28.23 -2.01 -5.59
N ASP A 527 29.29 -1.89 -6.39
CA ASP A 527 30.47 -1.16 -5.97
C ASP A 527 30.16 0.33 -5.99
N LYS A 528 29.57 0.79 -7.09
CA LYS A 528 29.17 2.19 -7.23
C LYS A 528 27.75 2.34 -6.69
N PRO A 529 27.57 3.14 -5.61
CA PRO A 529 26.23 3.28 -5.02
C PRO A 529 25.16 3.67 -6.03
N LEU A 530 23.99 3.08 -5.89
CA LEU A 530 22.87 3.41 -6.76
C LEU A 530 22.30 4.76 -6.31
N GLU A 531 22.03 5.63 -7.28
CA GLU A 531 21.63 7.01 -7.01
C GLU A 531 20.24 7.35 -7.49
N VAL A 532 19.71 6.53 -8.41
CA VAL A 532 18.42 6.78 -9.01
C VAL A 532 17.64 5.49 -9.13
N CYS A 533 16.36 5.52 -8.76
CA CYS A 533 15.47 4.39 -8.98
C CYS A 533 14.29 4.78 -9.85
N PHE A 534 14.00 3.93 -10.83
CA PHE A 534 12.79 4.05 -11.63
C PHE A 534 11.77 3.04 -11.11
N ILE A 535 10.67 3.57 -10.58
CA ILE A 535 9.56 2.76 -10.08
C ILE A 535 8.59 2.53 -11.24
N ASN A 536 8.35 1.27 -11.60
CA ASN A 536 7.48 0.97 -12.72
C ASN A 536 6.21 0.24 -12.32
N SER A 537 5.09 0.67 -12.86
N SER A 537 5.10 0.62 -12.93
CA SER A 537 3.80 0.12 -12.45
CA SER A 537 3.81 -0.05 -12.73
C SER A 537 2.76 0.18 -13.55
C SER A 537 2.98 -0.13 -14.01
N LYS A 538 1.77 -0.71 -13.43
N LYS A 538 2.13 -1.15 -14.10
CA LYS A 538 0.73 -0.78 -14.44
CA LYS A 538 1.48 -1.51 -15.37
C LYS A 538 -0.41 -1.51 -13.82
C LYS A 538 0.28 -2.44 -15.17
N GLY A 539 -1.51 -1.44 -14.53
N GLY A 539 -0.95 -1.89 -15.11
CA GLY A 539 -2.68 -2.13 -14.08
CA GLY A 539 -2.17 -2.63 -14.71
C GLY A 539 -3.58 -2.22 -15.25
C GLY A 539 -3.47 -2.46 -15.52
N PHE A 540 -4.62 -2.99 -15.02
CA PHE A 540 -5.84 -3.01 -15.83
C PHE A 540 -6.27 -1.65 -16.25
N GLY A 541 -7.01 -1.60 -17.36
CA GLY A 541 -7.70 -0.41 -17.78
C GLY A 541 -6.78 0.51 -18.53
N GLY A 542 -5.62 0.03 -19.00
CA GLY A 542 -4.72 0.91 -19.72
C GLY A 542 -4.12 1.95 -18.79
N ASN A 543 -3.67 1.49 -17.63
CA ASN A 543 -3.04 2.34 -16.65
C ASN A 543 -1.57 2.00 -16.52
N ASN A 544 -0.70 2.97 -16.75
CA ASN A 544 0.75 2.77 -16.66
C ASN A 544 1.37 3.98 -16.01
N ALA A 545 2.40 3.77 -15.20
CA ALA A 545 3.11 4.88 -14.60
C ALA A 545 4.54 4.51 -14.30
N SER A 546 5.42 5.50 -14.39
CA SER A 546 6.80 5.32 -13.95
C SER A 546 7.23 6.55 -13.17
N GLY A 547 7.88 6.32 -12.02
CA GLY A 547 8.37 7.39 -11.17
C GLY A 547 9.87 7.44 -11.07
N VAL A 548 10.40 8.64 -10.82
CA VAL A 548 11.83 8.86 -10.67
C VAL A 548 12.13 9.26 -9.22
N VAL A 549 12.99 8.50 -8.57
CA VAL A 549 13.39 8.76 -7.20
C VAL A 549 14.91 8.93 -7.15
N LEU A 550 15.35 10.01 -6.53
CA LEU A 550 16.76 10.33 -6.36
C LEU A 550 17.20 9.98 -4.94
N SER A 551 18.44 9.54 -4.78
CA SER A 551 18.98 9.20 -3.48
C SER A 551 19.14 10.42 -2.59
N PRO A 552 19.31 10.17 -1.28
CA PRO A 552 19.70 11.27 -0.39
C PRO A 552 20.97 12.01 -0.84
N ARG A 553 21.97 11.29 -1.33
CA ARG A 553 23.20 11.96 -1.73
C ARG A 553 22.94 12.97 -2.84
N ILE A 554 22.17 12.56 -3.85
CA ILE A 554 21.86 13.45 -4.96
C ILE A 554 21.04 14.64 -4.46
N ALA A 555 20.03 14.36 -3.66
CA ALA A 555 19.16 15.40 -3.15
C ALA A 555 19.95 16.41 -2.30
N GLU A 556 20.86 15.92 -1.47
CA GLU A 556 21.67 16.81 -0.66
C GLU A 556 22.59 17.68 -1.51
N LYS A 557 23.19 17.12 -2.54
CA LYS A 557 24.00 17.93 -3.47
C LYS A 557 23.14 19.06 -4.04
N MET A 558 21.91 18.74 -4.44
CA MET A 558 21.02 19.72 -5.01
C MET A 558 20.65 20.81 -4.01
N LEU A 559 20.33 20.47 -2.77
CA LEU A 559 19.99 21.48 -1.77
C LEU A 559 21.19 22.36 -1.42
N ARG A 560 22.36 21.74 -1.36
N ARG A 560 22.36 21.74 -1.36
CA ARG A 560 23.60 22.49 -1.12
CA ARG A 560 23.60 22.48 -1.13
C ARG A 560 23.85 23.51 -2.23
C ARG A 560 23.81 23.52 -2.23
N LYS A 561 23.64 23.09 -3.47
CA LYS A 561 23.87 23.97 -4.61
C LYS A 561 22.90 25.15 -4.61
N ARG A 562 21.63 24.87 -4.37
CA ARG A 562 20.62 25.92 -4.38
C ARG A 562 20.75 26.87 -3.20
N HIS A 563 20.95 26.33 -2.00
CA HIS A 563 20.80 27.14 -0.79
C HIS A 563 22.11 27.66 -0.21
N GLY A 564 23.23 27.05 -0.58
CA GLY A 564 24.55 27.51 -0.16
C GLY A 564 25.06 26.87 1.12
N GLN A 565 26.36 27.00 1.37
N GLN A 565 26.36 26.99 1.35
CA GLN A 565 26.97 26.26 2.47
CA GLN A 565 27.01 26.31 2.46
C GLN A 565 26.55 26.74 3.87
C GLN A 565 26.49 26.74 3.84
N ALA A 566 26.31 28.04 4.05
CA ALA A 566 25.90 28.52 5.37
C ALA A 566 24.51 27.98 5.76
N ALA A 567 23.57 28.10 4.83
CA ALA A 567 22.21 27.64 5.07
C ALA A 567 22.19 26.12 5.26
N PHE A 568 22.99 25.42 4.47
CA PHE A 568 23.03 23.97 4.61
C PHE A 568 23.62 23.56 5.96
N ALA A 569 24.65 24.27 6.42
CA ALA A 569 25.23 23.97 7.73
C ALA A 569 24.23 24.17 8.85
N ALA A 570 23.42 25.23 8.77
CA ALA A 570 22.40 25.47 9.79
C ALA A 570 21.37 24.32 9.79
N TYR A 571 21.00 23.89 8.60
CA TYR A 571 20.12 22.73 8.40
C TYR A 571 20.70 21.46 9.04
N VAL A 572 21.99 21.23 8.81
CA VAL A 572 22.65 20.03 9.37
C VAL A 572 22.55 20.02 10.89
N GLU A 573 22.76 21.16 11.51
CA GLU A 573 22.63 21.23 12.96
C GLU A 573 21.23 20.87 13.45
N LYS A 574 20.20 21.44 12.84
CA LYS A 574 18.82 21.14 13.24
C LYS A 574 18.50 19.68 12.97
N ARG A 575 19.06 19.13 11.89
CA ARG A 575 18.78 17.77 11.52
C ARG A 575 19.38 16.76 12.51
N GLU A 576 20.48 17.12 13.17
CA GLU A 576 20.98 16.21 14.21
C GLU A 576 19.90 15.98 15.29
N GLN A 577 19.13 17.03 15.59
CA GLN A 577 18.12 16.93 16.63
C GLN A 577 16.91 16.16 16.11
N THR A 578 16.50 16.43 14.89
CA THR A 578 15.35 15.70 14.36
C THR A 578 15.71 14.22 14.18
N ARG A 579 16.95 13.90 13.84
CA ARG A 579 17.35 12.48 13.73
C ARG A 579 17.30 11.80 15.07
N ALA A 580 17.72 12.50 16.12
CA ALA A 580 17.62 11.95 17.47
C ALA A 580 16.15 11.68 17.86
N ALA A 581 15.24 12.58 17.55
CA ALA A 581 13.82 12.38 17.85
C ALA A 581 13.26 11.17 17.07
N ALA A 582 13.59 11.08 15.79
CA ALA A 582 13.15 9.93 14.99
C ALA A 582 13.67 8.62 15.54
N ARG A 583 14.95 8.56 15.90
CA ARG A 583 15.51 7.34 16.46
C ARG A 583 14.76 6.95 17.74
N ALA A 584 14.37 7.95 18.53
CA ALA A 584 13.66 7.64 19.77
C ALA A 584 12.29 7.03 19.48
N TYR A 585 11.62 7.52 18.45
CA TYR A 585 10.37 6.90 18.01
C TYR A 585 10.62 5.45 17.58
N ASP A 586 11.59 5.22 16.72
CA ASP A 586 11.91 3.86 16.27
C ASP A 586 12.11 2.93 17.48
N GLN A 587 12.83 3.40 18.51
CA GLN A 587 13.04 2.60 19.71
C GLN A 587 11.73 2.28 20.40
N ARG A 588 10.82 3.24 20.48
CA ARG A 588 9.54 2.94 21.12
C ARG A 588 8.75 1.94 20.27
N ALA A 589 8.78 2.13 18.95
CA ALA A 589 8.03 1.26 18.05
C ALA A 589 8.52 -0.18 18.14
N LEU A 590 9.83 -0.35 18.34
CA LEU A 590 10.42 -1.68 18.48
C LEU A 590 9.82 -2.37 19.69
N GLN A 591 9.50 -1.60 20.72
N GLN A 591 9.50 -1.59 20.71
CA GLN A 591 8.94 -2.15 21.95
CA GLN A 591 8.93 -2.10 21.96
C GLN A 591 7.41 -2.21 21.91
C GLN A 591 7.42 -2.28 21.89
N GLY A 592 6.82 -1.96 20.75
CA GLY A 592 5.40 -2.05 20.59
C GLY A 592 4.63 -0.83 21.05
N ASP A 593 5.35 0.26 21.30
CA ASP A 593 4.75 1.50 21.78
C ASP A 593 4.57 2.44 20.60
N LEU A 594 3.45 2.29 19.91
CA LEU A 594 3.24 2.92 18.60
C LEU A 594 2.45 4.23 18.69
N GLU A 595 1.72 4.41 19.80
CA GLU A 595 0.88 5.57 20.08
C GLU A 595 0.14 6.10 18.84
N ILE A 596 -0.79 5.29 18.38
CA ILE A 596 -1.53 5.61 17.18
C ILE A 596 -2.38 6.84 17.42
N ILE A 597 -2.34 7.75 16.46
CA ILE A 597 -3.12 8.99 16.52
C ILE A 597 -4.51 8.74 15.96
N TYR A 598 -5.52 8.96 16.78
CA TYR A 598 -6.92 8.85 16.34
C TYR A 598 -7.72 9.83 17.16
N ASN A 599 -7.87 11.03 16.62
CA ASN A 599 -8.36 12.18 17.37
C ASN A 599 -9.85 12.49 17.15
N PHE A 600 -10.65 11.43 16.99
CA PHE A 600 -12.09 11.53 16.85
C PHE A 600 -12.76 12.47 17.86
N GLY A 601 -13.44 13.48 17.34
CA GLY A 601 -14.27 14.36 18.14
C GLY A 601 -13.53 15.39 18.97
N GLN A 602 -12.23 15.55 18.73
CA GLN A 602 -11.41 16.46 19.53
C GLN A 602 -10.83 17.57 18.67
N ASP A 603 -10.64 18.74 19.27
CA ASP A 603 -10.00 19.88 18.60
C ASP A 603 -10.76 20.29 17.34
N LEU A 604 -12.09 20.19 17.37
CA LEU A 604 -12.91 20.61 16.23
C LEU A 604 -12.91 22.11 16.10
N ILE A 605 -12.85 22.58 14.86
CA ILE A 605 -12.87 24.02 14.59
C ILE A 605 -14.26 24.59 14.84
N ASP A 606 -14.33 25.66 15.62
CA ASP A 606 -15.56 26.43 15.77
C ASP A 606 -15.73 27.29 14.53
N GLU A 607 -16.66 26.89 13.65
CA GLU A 607 -16.79 27.54 12.36
C GLU A 607 -17.21 29.00 12.49
N HIS A 608 -17.89 29.36 13.58
CA HIS A 608 -18.31 30.73 13.75
C HIS A 608 -17.12 31.65 14.06
N ALA A 609 -15.98 31.06 14.44
CA ALA A 609 -14.76 31.83 14.72
C ALA A 609 -13.81 31.91 13.52
N ILE A 610 -14.18 31.30 12.41
CA ILE A 610 -13.45 31.51 11.17
C ILE A 610 -13.68 32.96 10.79
N GLU A 611 -12.61 33.66 10.42
CA GLU A 611 -12.70 35.05 9.98
C GLU A 611 -12.35 35.12 8.51
N VAL A 612 -13.24 35.68 7.71
CA VAL A 612 -13.02 35.83 6.28
C VAL A 612 -12.95 37.30 5.95
N SER A 613 -11.86 37.71 5.29
CA SER A 613 -11.79 39.04 4.68
C SER A 613 -11.44 38.93 3.20
N ALA A 614 -11.32 40.08 2.55
CA ALA A 614 -10.92 40.12 1.15
C ALA A 614 -9.43 39.87 0.97
N GLU A 615 -8.69 39.80 2.07
CA GLU A 615 -7.24 39.54 2.03
C GLU A 615 -6.81 38.17 2.56
N GLN A 616 -7.55 37.61 3.51
CA GLN A 616 -7.10 36.38 4.16
C GLN A 616 -8.24 35.73 4.94
N VAL A 617 -8.03 34.47 5.31
CA VAL A 617 -8.92 33.74 6.20
C VAL A 617 -8.11 33.33 7.42
N THR A 618 -8.66 33.58 8.61
CA THR A 618 -8.08 33.07 9.83
C THR A 618 -8.89 31.88 10.30
N VAL A 619 -8.19 30.77 10.52
CA VAL A 619 -8.81 29.51 10.91
C VAL A 619 -8.46 29.19 12.37
N PRO A 620 -9.49 29.01 13.22
CA PRO A 620 -9.21 28.62 14.60
C PRO A 620 -8.23 27.43 14.70
N GLY A 621 -7.26 27.54 15.59
CA GLY A 621 -6.31 26.47 15.79
C GLY A 621 -5.07 26.51 14.91
N PHE A 622 -5.07 27.38 13.90
CA PHE A 622 -3.91 27.53 13.01
C PHE A 622 -3.28 28.88 13.24
N SER A 623 -2.00 28.90 13.60
CA SER A 623 -1.34 30.16 13.94
C SER A 623 -1.18 31.04 12.70
N GLN A 624 -1.01 30.42 11.54
CA GLN A 624 -0.76 31.15 10.30
C GLN A 624 -2.05 31.47 9.56
N PRO A 625 -2.28 32.74 9.24
CA PRO A 625 -3.43 33.04 8.39
C PRO A 625 -3.30 32.47 6.99
N LEU A 626 -4.42 32.18 6.36
CA LEU A 626 -4.44 31.74 4.97
C LEU A 626 -4.56 33.01 4.14
N VAL A 627 -3.44 33.44 3.55
CA VAL A 627 -3.42 34.66 2.74
C VAL A 627 -3.60 34.26 1.29
N TYR A 628 -4.57 34.87 0.60
CA TYR A 628 -4.85 34.51 -0.78
C TYR A 628 -3.62 34.78 -1.63
N LYS A 629 -3.29 33.83 -2.49
CA LYS A 629 -2.07 33.94 -3.30
C LYS A 629 -2.24 34.83 -4.52
N LYS A 630 -1.29 35.72 -4.71
CA LYS A 630 -1.24 36.57 -5.89
C LYS A 630 -1.02 35.71 -7.13
N ASP A 631 -1.83 35.96 -8.15
CA ASP A 631 -1.86 35.18 -9.39
C ASP A 631 -1.19 35.98 -10.51
N ALA A 632 -0.24 35.37 -11.22
CA ALA A 632 0.39 36.01 -12.38
C ALA A 632 0.14 35.22 -13.67
N ARG A 633 -0.65 34.15 -13.58
CA ARG A 633 -0.84 33.27 -14.72
C ARG A 633 -1.37 33.97 -15.96
N PHE A 634 -2.32 34.89 -15.78
CA PHE A 634 -3.08 35.45 -16.91
C PHE A 634 -2.99 36.96 -16.97
N SER A 635 -2.00 37.52 -16.29
CA SER A 635 -1.84 38.97 -16.19
C SER A 635 -1.73 39.64 -17.55
N ASP A 636 -1.13 38.95 -18.51
CA ASP A 636 -0.99 39.47 -19.87
C ASP A 636 -2.30 39.45 -20.67
N MET A 637 -3.33 38.81 -20.11
CA MET A 637 -4.62 38.72 -20.78
C MET A 637 -5.58 39.79 -20.27
N LEU A 638 -5.12 40.63 -19.33
CA LEU A 638 -5.99 41.56 -18.62
C LEU A 638 -5.69 43.01 -18.93
N ASP A 639 -6.63 43.88 -18.55
CA ASP A 639 -6.56 45.35 -18.65
C ASP A 639 -7.15 45.85 -19.96
S SO4 B . 8.50 -19.70 23.13
O1 SO4 B . 8.58 -20.72 24.18
O2 SO4 B . 8.34 -18.39 23.74
O3 SO4 B . 9.73 -19.73 22.33
O4 SO4 B . 7.34 -19.97 22.28
CL CL C . 6.64 -11.07 -13.95
#